data_3EI5
#
_entry.id   3EI5
#
_cell.length_a   102.556
_cell.length_b   102.556
_cell.length_c   171.953
_cell.angle_alpha   90.00
_cell.angle_beta   90.00
_cell.angle_gamma   120.00
#
_symmetry.space_group_name_H-M   'P 32 2 1'
#
loop_
_entity.id
_entity.type
_entity.pdbx_description
1 polymer 'LL-diaminopimelate aminotransferase'
2 non-polymer 'N-({3-hydroxy-2-methyl-5-[(phosphonooxy)methyl]pyridin-4-yl}methyl)-L-glutamic acid'
3 non-polymer GLYCEROL
4 non-polymer 'SULFATE ION'
5 water water
#
_entity_poly.entity_id   1
_entity_poly.type   'polypeptide(L)'
_entity_poly.pdbx_seq_one_letter_code
;MAKRVNTCKCVATPQEKIEYKTKVSRNSNMSKLQAGYLFPEIARRRSAHLLKYPDAQVISLGIGDTTEPIPEVITSAMAK
KAHELSTIEGYSGYGAEQGAKPLRAAIAKTFYGGLGIGDDDVFVSDGAKCDISRLQVMFGSNVTIAVQDPSYPAYVDSSV
IMGQTGQFNTDVQKYGNIEYMRCTPENGFFPDLSTVGRTDIIFFCSPNNPTGAAATREQLTQLVEFAKKNGSIIVYDSAY
AMYMSDDNPRSIFEIPGAEEVAMETASFSKYAGFTGVRLGWTVIPKKLLYSDGFPVAKDFNRIICTCFNGASNISQAGAL
ACLTPEGLEAMHKVIGFYKENTNIIIDTFTSLGYDVYGGKNAPYVWVHFPNQSSWDVFAEILEKTHVVTTPGSGFGPGGE
GFVRVSAFGHRENILEACRRFKQLYKHHHHHH
;
_entity_poly.pdbx_strand_id   A,B
#
# COMPACT_ATOMS: atom_id res chain seq x y z
N GLU A 19 -32.41 2.70 -13.08
CA GLU A 19 -31.40 2.14 -12.10
C GLU A 19 -30.99 3.16 -11.00
N TYR A 20 -30.73 2.65 -9.79
CA TYR A 20 -30.38 3.50 -8.67
C TYR A 20 -28.95 4.04 -8.79
N LYS A 21 -28.78 5.32 -8.47
CA LYS A 21 -27.45 5.94 -8.31
C LYS A 21 -27.38 6.64 -6.96
N THR A 22 -26.19 6.65 -6.31
CA THR A 22 -25.97 7.40 -5.08
C THR A 22 -25.98 8.89 -5.44
N LYS A 23 -25.94 9.77 -4.46
CA LYS A 23 -25.75 11.20 -4.77
C LYS A 23 -24.30 11.66 -4.52
N VAL A 24 -23.36 10.74 -4.56
CA VAL A 24 -21.96 11.10 -4.33
C VAL A 24 -21.36 11.47 -5.67
N SER A 25 -20.76 12.66 -5.76
CA SER A 25 -20.04 13.07 -6.97
C SER A 25 -18.77 12.21 -7.17
N ARG A 26 -18.60 11.74 -8.40
CA ARG A 26 -17.33 11.12 -8.78
C ARG A 26 -16.16 12.13 -8.50
N ASN A 27 -15.10 11.62 -7.90
CA ASN A 27 -13.84 12.37 -7.76
C ASN A 27 -13.44 13.02 -9.09
N SER A 28 -13.44 14.34 -9.12
CA SER A 28 -13.18 15.08 -10.35
C SER A 28 -11.75 14.92 -10.89
N ASN A 29 -10.82 14.50 -10.01
CA ASN A 29 -9.48 14.15 -10.39
C ASN A 29 -9.44 12.85 -11.18
N MET A 30 -10.25 11.85 -10.76
CA MET A 30 -10.37 10.61 -11.55
C MET A 30 -10.90 10.88 -12.94
N SER A 31 -11.88 11.79 -13.06
CA SER A 31 -12.43 12.20 -14.35
C SER A 31 -11.42 12.81 -15.27
N LYS A 32 -10.36 13.38 -14.70
CA LYS A 32 -9.33 14.08 -15.49
C LYS A 32 -8.49 13.13 -16.33
N LEU A 33 -8.32 11.90 -15.85
CA LEU A 33 -7.47 10.91 -16.47
C LEU A 33 -7.94 10.57 -17.87
N GLN A 34 -7.00 10.61 -18.82
CA GLN A 34 -7.32 10.55 -20.25
C GLN A 34 -7.65 9.14 -20.72
N ALA A 35 -7.03 8.14 -20.11
CA ALA A 35 -7.31 6.75 -20.44
C ALA A 35 -7.02 5.94 -19.18
N GLY A 36 -7.08 4.61 -19.28
CA GLY A 36 -6.58 3.74 -18.23
C GLY A 36 -5.06 3.74 -18.09
N TYR A 37 -4.56 3.08 -17.05
CA TYR A 37 -3.13 2.89 -16.86
C TYR A 37 -2.51 2.22 -18.12
N LEU A 38 -1.29 2.62 -18.49
CA LEU A 38 -0.67 2.12 -19.74
C LEU A 38 -0.61 0.58 -19.87
N PHE A 39 -0.19 -0.09 -18.79
CA PHE A 39 0.12 -1.48 -18.97
C PHE A 39 -1.11 -2.39 -19.12
N PRO A 40 -2.16 -2.19 -18.29
CA PRO A 40 -3.43 -2.85 -18.61
C PRO A 40 -3.94 -2.56 -20.02
N GLU A 41 -3.79 -1.34 -20.49
CA GLU A 41 -4.15 -1.02 -21.88
C GLU A 41 -3.40 -1.92 -22.91
N ILE A 42 -2.11 -2.13 -22.68
CA ILE A 42 -1.29 -2.97 -23.57
C ILE A 42 -1.75 -4.43 -23.51
N ALA A 43 -2.02 -4.93 -22.30
CA ALA A 43 -2.58 -6.27 -22.07
C ALA A 43 -3.92 -6.47 -22.82
N ARG A 44 -4.74 -5.42 -22.86
CA ARG A 44 -5.99 -5.47 -23.62
C ARG A 44 -5.66 -5.74 -25.08
N ARG A 45 -4.79 -4.90 -25.66
CA ARG A 45 -4.38 -5.02 -27.04
C ARG A 45 -3.72 -6.35 -27.36
N ARG A 46 -3.03 -6.95 -26.40
CA ARG A 46 -2.43 -8.23 -26.73
C ARG A 46 -3.46 -9.37 -26.74
N SER A 47 -4.44 -9.27 -25.84
CA SER A 47 -5.63 -10.10 -25.84
C SER A 47 -6.36 -10.07 -27.17
N ALA A 48 -6.68 -8.87 -27.65
CA ALA A 48 -7.33 -8.68 -28.94
C ALA A 48 -6.53 -9.33 -30.08
N HIS A 49 -5.20 -9.32 -29.94
CA HIS A 49 -4.30 -9.93 -30.92
C HIS A 49 -4.36 -11.45 -30.86
N LEU A 50 -4.46 -12.00 -29.65
CA LEU A 50 -4.66 -13.45 -29.53
C LEU A 50 -6.04 -13.97 -30.03
N LEU A 51 -7.07 -13.14 -29.95
CA LEU A 51 -8.32 -13.42 -30.65
C LEU A 51 -8.17 -13.46 -32.19
N LYS A 52 -7.38 -12.55 -32.76
CA LYS A 52 -7.15 -12.52 -34.21
C LYS A 52 -6.24 -13.64 -34.69
N TYR A 53 -5.24 -13.97 -33.87
CA TYR A 53 -4.29 -15.00 -34.21
C TYR A 53 -4.25 -15.97 -33.03
N PRO A 54 -5.27 -16.85 -32.94
CA PRO A 54 -5.38 -17.81 -31.82
C PRO A 54 -4.18 -18.71 -31.62
N ASP A 55 -3.43 -18.97 -32.68
CA ASP A 55 -2.28 -19.89 -32.59
C ASP A 55 -0.93 -19.17 -32.55
N ALA A 56 -0.92 -17.84 -32.48
CA ALA A 56 0.32 -17.06 -32.36
C ALA A 56 1.15 -17.45 -31.11
N GLN A 57 2.48 -17.48 -31.25
CA GLN A 57 3.40 -17.70 -30.11
C GLN A 57 3.88 -16.33 -29.63
N VAL A 58 3.09 -15.70 -28.77
CA VAL A 58 3.36 -14.33 -28.36
C VAL A 58 4.58 -14.27 -27.40
N ILE A 59 5.47 -13.32 -27.62
CA ILE A 59 6.61 -13.06 -26.72
C ILE A 59 6.45 -11.66 -26.18
N SER A 60 6.33 -11.54 -24.86
CA SER A 60 6.21 -10.19 -24.28
C SER A 60 7.54 -9.53 -23.87
N LEU A 61 7.82 -8.40 -24.52
CA LEU A 61 8.90 -7.47 -24.15
C LEU A 61 8.24 -6.11 -23.85
N GLY A 62 7.00 -6.14 -23.36
CA GLY A 62 6.24 -4.93 -23.07
C GLY A 62 6.52 -4.57 -21.63
N ILE A 63 5.64 -5.00 -20.75
CA ILE A 63 5.79 -4.66 -19.33
C ILE A 63 7.15 -5.22 -18.86
N GLY A 64 7.88 -4.46 -18.04
CA GLY A 64 9.21 -4.87 -17.61
C GLY A 64 9.07 -5.79 -16.41
N ASP A 65 8.64 -7.02 -16.66
CA ASP A 65 8.41 -7.94 -15.55
C ASP A 65 9.51 -8.98 -15.57
N THR A 66 10.07 -9.30 -14.40
CA THR A 66 11.15 -10.27 -14.33
C THR A 66 10.59 -11.67 -14.66
N THR A 67 11.46 -12.53 -15.21
CA THR A 67 11.02 -13.82 -15.75
C THR A 67 11.74 -15.03 -15.17
N GLU A 68 12.94 -14.83 -14.65
CA GLU A 68 13.79 -15.93 -14.14
C GLU A 68 13.54 -16.20 -12.66
N PRO A 69 13.76 -17.45 -12.24
CA PRO A 69 13.52 -17.82 -10.86
C PRO A 69 14.36 -16.97 -9.90
N ILE A 70 13.80 -16.73 -8.72
CA ILE A 70 14.48 -16.06 -7.65
C ILE A 70 15.54 -17.06 -7.14
N PRO A 71 16.76 -16.55 -6.86
CA PRO A 71 17.83 -17.41 -6.31
C PRO A 71 17.38 -18.14 -5.09
N GLU A 72 17.77 -19.39 -4.99
CA GLU A 72 17.43 -20.26 -3.89
C GLU A 72 17.75 -19.76 -2.50
N VAL A 73 18.92 -19.13 -2.34
CA VAL A 73 19.33 -18.62 -1.02
C VAL A 73 18.24 -17.64 -0.50
N ILE A 74 17.63 -16.88 -1.42
CA ILE A 74 16.60 -15.96 -1.03
C ILE A 74 15.24 -16.65 -0.73
N THR A 75 14.78 -17.51 -1.64
CA THR A 75 13.53 -18.21 -1.42
C THR A 75 13.62 -19.16 -0.25
N SER A 76 14.78 -19.78 0.00
CA SER A 76 14.93 -20.57 1.24
C SER A 76 14.74 -19.70 2.47
N ALA A 77 15.22 -18.45 2.39
CA ALA A 77 15.03 -17.54 3.51
C ALA A 77 13.55 -17.23 3.72
N MET A 78 12.80 -17.13 2.63
CA MET A 78 11.36 -16.84 2.76
C MET A 78 10.60 -18.06 3.34
N ALA A 79 10.90 -19.28 2.85
CA ALA A 79 10.30 -20.52 3.32
C ALA A 79 10.60 -20.76 4.80
N LYS A 80 11.86 -20.54 5.21
CA LYS A 80 12.20 -20.62 6.61
C LYS A 80 11.37 -19.64 7.48
N LYS A 81 11.21 -18.39 7.03
CA LYS A 81 10.38 -17.44 7.77
C LYS A 81 8.90 -17.95 7.88
N ALA A 82 8.39 -18.49 6.78
CA ALA A 82 7.02 -19.05 6.74
C ALA A 82 6.92 -20.17 7.76
N HIS A 83 7.88 -21.10 7.75
CA HIS A 83 7.88 -22.20 8.76
C HIS A 83 7.89 -21.66 10.18
N GLU A 84 8.73 -20.64 10.43
CA GLU A 84 8.86 -20.05 11.75
C GLU A 84 7.57 -19.43 12.28
N LEU A 85 6.76 -18.89 11.38
CA LEU A 85 5.43 -18.37 11.76
C LEU A 85 4.45 -19.40 12.34
N SER A 86 4.72 -20.69 12.12
CA SER A 86 3.95 -21.77 12.78
C SER A 86 4.54 -22.23 14.10
N THR A 87 5.56 -21.54 14.60
CA THR A 87 6.10 -21.85 15.92
C THR A 87 5.82 -20.70 16.89
N ILE A 88 5.75 -21.04 18.19
CA ILE A 88 5.48 -20.08 19.25
C ILE A 88 6.63 -19.06 19.28
N GLU A 89 7.85 -19.57 19.20
CA GLU A 89 9.05 -18.73 19.28
C GLU A 89 9.24 -17.82 18.02
N GLY A 90 8.96 -18.38 16.83
CA GLY A 90 9.12 -17.67 15.57
C GLY A 90 7.94 -16.80 15.08
N TYR A 91 6.75 -16.98 15.64
CA TYR A 91 5.63 -16.17 15.19
C TYR A 91 5.89 -14.67 15.41
N SER A 92 5.60 -13.85 14.41
CA SER A 92 5.49 -12.39 14.63
C SER A 92 4.27 -11.82 13.92
N GLY A 93 3.73 -10.71 14.46
CA GLY A 93 2.51 -10.09 13.97
C GLY A 93 2.82 -8.81 13.26
N TYR A 94 2.13 -7.74 13.66
CA TYR A 94 2.47 -6.39 13.17
C TYR A 94 3.94 -6.09 13.42
N GLY A 95 4.63 -5.61 12.38
CA GLY A 95 6.00 -5.12 12.56
C GLY A 95 5.98 -3.62 12.79
N ALA A 96 7.14 -3.01 13.08
CA ALA A 96 7.28 -1.54 12.92
C ALA A 96 6.94 -1.22 11.47
N GLU A 97 5.93 -0.36 11.23
CA GLU A 97 5.53 -0.02 9.82
C GLU A 97 6.68 0.54 8.98
N GLN A 98 7.72 1.11 9.61
CA GLN A 98 8.98 1.49 8.89
C GLN A 98 9.78 0.31 8.39
N GLY A 99 9.49 -0.87 8.93
CA GLY A 99 10.22 -2.07 8.60
C GLY A 99 11.14 -2.56 9.72
N ALA A 100 11.46 -3.85 9.69
CA ALA A 100 12.31 -4.43 10.71
C ALA A 100 13.66 -3.66 10.74
N LYS A 101 14.13 -3.37 11.95
CA LYS A 101 15.35 -2.62 12.12
C LYS A 101 16.58 -3.26 11.43
N PRO A 102 16.81 -4.58 11.60
CA PRO A 102 17.94 -5.18 10.87
C PRO A 102 17.83 -5.00 9.37
N LEU A 103 16.62 -4.84 8.82
CA LEU A 103 16.52 -4.73 7.37
C LEU A 103 16.79 -3.28 6.96
N ARG A 104 16.30 -2.34 7.76
CA ARG A 104 16.63 -0.97 7.54
C ARG A 104 18.12 -0.72 7.63
N ALA A 105 18.79 -1.38 8.58
CA ALA A 105 20.25 -1.22 8.75
C ALA A 105 20.99 -1.75 7.56
N ALA A 106 20.57 -2.93 7.04
CA ALA A 106 21.25 -3.58 5.96
C ALA A 106 21.07 -2.73 4.71
N ILE A 107 19.85 -2.24 4.48
CA ILE A 107 19.66 -1.34 3.38
C ILE A 107 20.51 -0.11 3.56
N ALA A 108 20.46 0.52 4.74
CA ALA A 108 21.28 1.74 4.96
C ALA A 108 22.81 1.51 4.68
N LYS A 109 23.38 0.43 5.22
CA LYS A 109 24.80 0.10 5.06
C LYS A 109 25.14 -0.25 3.60
N THR A 110 24.32 -1.12 3.01
CA THR A 110 24.64 -1.75 1.74
C THR A 110 24.56 -0.71 0.62
N PHE A 111 23.51 0.10 0.61
CA PHE A 111 23.34 1.00 -0.53
C PHE A 111 23.79 2.43 -0.26
N TYR A 112 23.91 2.83 1.00
CA TYR A 112 24.18 4.22 1.29
C TYR A 112 25.31 4.40 2.30
N GLY A 113 26.06 3.32 2.52
CA GLY A 113 27.18 3.37 3.44
C GLY A 113 28.17 4.46 3.06
N GLY A 114 28.43 5.37 4.00
CA GLY A 114 29.33 6.48 3.75
C GLY A 114 28.62 7.69 3.19
N LEU A 115 27.32 7.58 2.94
CA LEU A 115 26.56 8.74 2.46
C LEU A 115 25.78 9.41 3.60
N GLY A 116 26.01 9.00 4.82
CA GLY A 116 25.36 9.67 5.92
C GLY A 116 23.88 9.39 6.11
N ILE A 117 23.42 8.24 5.65
CA ILE A 117 22.05 7.80 5.83
C ILE A 117 21.98 6.90 7.08
N GLY A 118 21.10 7.22 8.02
CA GLY A 118 20.91 6.36 9.22
C GLY A 118 19.82 5.32 8.95
N ASP A 119 19.75 4.29 9.79
CA ASP A 119 18.69 3.28 9.74
C ASP A 119 17.30 3.92 9.83
N ASP A 120 17.15 4.93 10.65
CA ASP A 120 15.86 5.56 10.84
C ASP A 120 15.45 6.47 9.68
N ASP A 121 16.31 6.63 8.65
CA ASP A 121 15.95 7.37 7.43
C ASP A 121 15.33 6.45 6.36
N VAL A 122 15.36 5.14 6.62
CA VAL A 122 14.92 4.12 5.65
C VAL A 122 13.48 3.71 5.99
N PHE A 123 12.60 3.67 4.99
CA PHE A 123 11.21 3.25 5.21
C PHE A 123 10.97 2.04 4.30
N VAL A 124 10.81 0.86 4.88
CA VAL A 124 10.62 -0.35 4.05
C VAL A 124 9.17 -0.41 3.52
N SER A 125 9.00 -0.65 2.23
CA SER A 125 7.66 -0.70 1.65
C SER A 125 7.38 -2.04 0.95
N ASP A 126 6.16 -2.17 0.42
CA ASP A 126 5.80 -3.27 -0.47
C ASP A 126 6.03 -2.83 -1.97
N GLY A 127 6.94 -1.89 -2.16
CA GLY A 127 7.52 -1.61 -3.49
C GLY A 127 7.35 -0.16 -3.85
N ALA A 128 7.99 0.22 -4.95
CA ALA A 128 8.19 1.62 -5.30
C ALA A 128 6.98 2.30 -5.89
N LYS A 129 6.21 1.59 -6.70
CA LYS A 129 4.96 2.13 -7.19
C LYS A 129 4.05 2.58 -6.01
N CYS A 130 3.97 1.77 -4.96
CA CYS A 130 3.15 2.13 -3.78
C CYS A 130 3.77 3.34 -3.06
N ASP A 131 5.10 3.37 -2.91
CA ASP A 131 5.73 4.54 -2.28
C ASP A 131 5.49 5.83 -3.08
N ILE A 132 5.59 5.77 -4.41
CA ILE A 132 5.30 6.92 -5.21
C ILE A 132 3.93 7.54 -4.86
N SER A 133 2.90 6.71 -4.82
CA SER A 133 1.60 7.23 -4.43
C SER A 133 1.48 7.60 -2.94
N ARG A 134 2.09 6.84 -2.04
CA ARG A 134 2.08 7.28 -0.63
C ARG A 134 2.78 8.66 -0.49
N LEU A 135 3.85 8.88 -1.24
CA LEU A 135 4.56 10.17 -1.21
C LEU A 135 3.67 11.28 -1.79
N GLN A 136 2.88 10.94 -2.81
CA GLN A 136 1.97 11.92 -3.42
C GLN A 136 0.83 12.31 -2.49
N VAL A 137 0.36 11.35 -1.70
CA VAL A 137 -0.62 11.63 -0.63
C VAL A 137 -0.02 12.58 0.40
N MET A 138 1.20 12.27 0.81
CA MET A 138 1.92 13.11 1.74
C MET A 138 2.11 14.52 1.19
N PHE A 139 2.60 14.68 -0.03
CA PHE A 139 2.76 16.04 -0.55
C PHE A 139 1.44 16.77 -0.67
N GLY A 140 0.40 16.03 -1.09
CA GLY A 140 -0.96 16.59 -1.22
C GLY A 140 -1.26 17.29 -2.54
N SER A 141 -2.42 17.92 -2.61
CA SER A 141 -2.94 18.43 -3.86
C SER A 141 -2.36 19.80 -4.28
N ASN A 142 -1.63 20.49 -3.42
CA ASN A 142 -1.23 21.87 -3.78
C ASN A 142 0.19 22.02 -4.25
N VAL A 143 0.93 20.91 -4.36
CA VAL A 143 2.32 20.99 -4.90
C VAL A 143 2.27 20.87 -6.42
N THR A 144 3.24 21.47 -7.12
CA THR A 144 3.41 21.24 -8.57
C THR A 144 4.60 20.31 -8.79
N ILE A 145 4.56 19.57 -9.89
CA ILE A 145 5.57 18.58 -10.11
C ILE A 145 6.17 18.80 -11.51
N ALA A 146 7.40 18.32 -11.64
CA ALA A 146 8.14 18.26 -12.90
C ALA A 146 8.51 16.81 -13.04
N VAL A 147 8.54 16.35 -14.28
CA VAL A 147 8.91 14.95 -14.61
C VAL A 147 9.82 14.99 -15.83
N GLN A 148 10.67 13.99 -15.95
CA GLN A 148 11.36 13.72 -17.21
C GLN A 148 10.29 13.44 -18.29
N ASP A 149 10.54 13.88 -19.52
CA ASP A 149 9.62 13.62 -20.59
C ASP A 149 10.42 13.03 -21.75
N PRO A 150 10.35 11.70 -21.92
CA PRO A 150 9.43 10.74 -21.31
C PRO A 150 9.80 10.27 -19.90
N SER A 151 8.84 9.65 -19.22
CA SER A 151 9.10 8.97 -17.95
C SER A 151 8.04 7.96 -17.65
N TYR A 152 8.40 7.02 -16.78
CA TYR A 152 7.49 6.07 -16.13
C TYR A 152 6.18 6.79 -15.72
N PRO A 153 5.03 6.33 -16.26
CA PRO A 153 3.74 7.06 -16.16
C PRO A 153 3.12 7.18 -14.76
N ALA A 154 3.57 6.39 -13.80
CA ALA A 154 3.05 6.51 -12.45
C ALA A 154 3.26 7.89 -11.80
N TYR A 155 4.32 8.63 -12.17
CA TYR A 155 4.53 9.95 -11.54
C TYR A 155 3.40 10.87 -11.99
N VAL A 156 3.21 11.01 -13.32
CA VAL A 156 2.12 11.83 -13.86
C VAL A 156 0.71 11.38 -13.40
N ASP A 157 0.39 10.09 -13.55
CA ASP A 157 -0.94 9.60 -13.16
C ASP A 157 -1.29 9.85 -11.70
N SER A 158 -0.34 9.57 -10.79
CA SER A 158 -0.56 9.83 -9.39
C SER A 158 -0.76 11.33 -9.14
N SER A 159 -0.04 12.17 -9.88
CA SER A 159 -0.19 13.60 -9.76
C SER A 159 -1.62 14.05 -10.09
N VAL A 160 -2.15 13.53 -11.20
CA VAL A 160 -3.52 13.83 -11.62
C VAL A 160 -4.54 13.39 -10.56
N ILE A 161 -4.43 12.15 -10.14
CA ILE A 161 -5.26 11.59 -9.08
C ILE A 161 -5.26 12.41 -7.80
N MET A 162 -4.10 12.96 -7.40
CA MET A 162 -4.04 13.79 -6.20
C MET A 162 -4.52 15.20 -6.41
N GLY A 163 -4.76 15.61 -7.64
CA GLY A 163 -5.35 16.93 -7.80
C GLY A 163 -4.33 18.02 -8.06
N GLN A 164 -3.11 17.60 -8.43
CA GLN A 164 -1.98 18.53 -8.57
C GLN A 164 -1.97 19.18 -9.92
N THR A 165 -2.91 18.79 -10.77
CA THR A 165 -2.81 19.12 -12.17
C THR A 165 -4.07 19.79 -12.70
N GLY A 166 -3.94 20.35 -13.90
CA GLY A 166 -5.11 20.73 -14.72
C GLY A 166 -5.68 19.55 -15.51
N GLN A 167 -6.50 19.90 -16.48
CA GLN A 167 -7.08 18.98 -17.46
C GLN A 167 -6.03 18.53 -18.48
N PHE A 168 -6.25 17.36 -19.09
CA PHE A 168 -5.43 16.93 -20.21
C PHE A 168 -5.70 17.77 -21.43
N ASN A 169 -4.64 18.28 -22.04
CA ASN A 169 -4.73 19.06 -23.28
C ASN A 169 -4.35 18.15 -24.42
N THR A 170 -5.29 17.83 -25.31
CA THR A 170 -4.99 16.88 -26.40
C THR A 170 -4.09 17.42 -27.51
N ASP A 171 -4.04 18.75 -27.68
CA ASP A 171 -3.14 19.40 -28.66
C ASP A 171 -1.68 19.09 -28.40
N VAL A 172 -1.27 19.24 -27.14
CA VAL A 172 0.12 18.99 -26.79
C VAL A 172 0.32 17.66 -26.07
N GLN A 173 -0.77 17.01 -25.66
CA GLN A 173 -0.74 15.70 -25.03
C GLN A 173 -0.15 15.77 -23.62
N LYS A 174 -0.61 16.72 -22.84
CA LYS A 174 -0.03 16.99 -21.57
C LYS A 174 -1.11 17.37 -20.57
N TYR A 175 -0.98 16.94 -19.31
CA TYR A 175 -1.87 17.51 -18.31
C TYR A 175 -1.41 18.93 -17.99
N GLY A 176 -2.36 19.85 -17.79
CA GLY A 176 -2.01 21.18 -17.28
C GLY A 176 -1.25 21.15 -15.93
N ASN A 177 -0.32 22.09 -15.76
CA ASN A 177 0.34 22.35 -14.47
C ASN A 177 1.49 21.38 -14.12
N ILE A 178 1.85 20.50 -15.05
CA ILE A 178 3.02 19.61 -14.93
C ILE A 178 4.17 20.16 -15.77
N GLU A 179 5.36 20.28 -15.19
CA GLU A 179 6.52 20.68 -15.98
C GLU A 179 7.11 19.42 -16.65
N TYR A 180 6.89 19.26 -17.94
CA TYR A 180 7.50 18.12 -18.63
C TYR A 180 8.86 18.51 -19.09
N MET A 181 9.88 17.80 -18.60
CA MET A 181 11.32 18.12 -18.87
C MET A 181 11.82 17.27 -20.01
N ARG A 182 11.81 17.80 -21.22
CA ARG A 182 12.13 16.98 -22.41
C ARG A 182 13.56 16.41 -22.38
N CYS A 183 13.64 15.11 -22.59
CA CYS A 183 14.85 14.34 -22.59
C CYS A 183 14.95 13.63 -23.96
N THR A 184 15.91 14.07 -24.79
CA THR A 184 15.95 13.76 -26.21
C THR A 184 17.37 13.31 -26.63
N PRO A 185 17.50 12.72 -27.84
CA PRO A 185 18.84 12.43 -28.38
C PRO A 185 19.69 13.70 -28.49
N GLU A 186 19.07 14.84 -28.82
CA GLU A 186 19.75 16.11 -28.97
C GLU A 186 20.19 16.78 -27.69
N ASN A 187 19.72 16.30 -26.53
CA ASN A 187 20.23 16.85 -25.30
C ASN A 187 20.84 15.80 -24.39
N GLY A 188 21.09 14.61 -24.92
CA GLY A 188 21.71 13.57 -24.13
C GLY A 188 20.76 12.93 -23.13
N PHE A 189 19.46 13.04 -23.40
CA PHE A 189 18.41 12.53 -22.49
C PHE A 189 18.49 13.06 -21.06
N PHE A 190 18.92 14.30 -20.94
CA PHE A 190 18.98 14.94 -19.64
C PHE A 190 18.38 16.32 -19.93
N PRO A 191 17.49 16.83 -19.05
CA PRO A 191 16.82 18.08 -19.35
C PRO A 191 17.78 19.26 -19.47
N ASP A 192 17.39 20.22 -20.28
CA ASP A 192 18.08 21.49 -20.26
C ASP A 192 17.46 22.35 -19.12
N LEU A 193 18.13 22.33 -17.97
CA LEU A 193 17.60 22.92 -16.73
C LEU A 193 17.38 24.41 -16.79
N SER A 194 18.18 25.12 -17.60
CA SER A 194 17.98 26.57 -17.80
C SER A 194 16.65 26.86 -18.50
N THR A 195 15.99 25.83 -19.06
CA THR A 195 14.68 26.01 -19.70
C THR A 195 13.49 25.47 -18.85
N VAL A 196 13.79 24.90 -17.68
CA VAL A 196 12.83 24.26 -16.84
C VAL A 196 12.25 25.20 -15.76
N GLY A 197 10.92 25.36 -15.77
CA GLY A 197 10.19 26.17 -14.78
C GLY A 197 10.27 25.56 -13.39
N ARG A 198 10.21 26.41 -12.38
CA ARG A 198 10.29 25.96 -10.99
C ARG A 198 9.06 25.14 -10.62
N THR A 199 9.25 24.07 -9.84
CA THR A 199 8.11 23.36 -9.29
C THR A 199 8.47 22.95 -7.89
N ASP A 200 7.50 22.42 -7.17
CA ASP A 200 7.78 21.94 -5.85
C ASP A 200 8.54 20.66 -5.87
N ILE A 201 8.09 19.71 -6.69
CA ILE A 201 8.66 18.35 -6.67
C ILE A 201 9.25 18.13 -8.06
N ILE A 202 10.34 17.38 -8.08
CA ILE A 202 10.94 16.94 -9.33
C ILE A 202 11.12 15.43 -9.18
N PHE A 203 10.33 14.63 -9.91
CA PHE A 203 10.52 13.20 -10.01
C PHE A 203 11.62 12.93 -11.03
N PHE A 204 12.64 12.18 -10.60
CA PHE A 204 13.81 11.99 -11.47
C PHE A 204 14.30 10.55 -11.39
N CYS A 205 14.23 9.87 -12.54
CA CYS A 205 14.45 8.44 -12.60
C CYS A 205 15.78 8.24 -13.32
N SER A 206 16.72 7.55 -12.66
CA SER A 206 18.05 7.30 -13.25
C SER A 206 18.66 6.03 -12.63
N PRO A 207 19.05 5.06 -13.47
CA PRO A 207 18.85 5.06 -14.95
C PRO A 207 17.37 5.16 -15.32
N ASN A 208 17.04 5.94 -16.38
CA ASN A 208 15.67 6.30 -16.69
C ASN A 208 14.90 5.14 -17.31
N ASN A 209 13.63 5.05 -16.89
CA ASN A 209 12.63 4.27 -17.58
C ASN A 209 11.75 5.29 -18.24
N PRO A 210 11.64 5.28 -19.57
CA PRO A 210 11.98 4.27 -20.59
C PRO A 210 13.31 4.39 -21.35
N THR A 211 14.06 5.47 -21.16
CA THR A 211 15.16 5.76 -22.10
C THR A 211 16.42 4.94 -21.83
N GLY A 212 16.55 4.43 -20.61
CA GLY A 212 17.75 3.73 -20.20
C GLY A 212 18.88 4.67 -19.75
N ALA A 213 18.67 5.98 -19.90
CA ALA A 213 19.72 6.99 -19.70
C ALA A 213 20.06 7.24 -18.25
N ALA A 214 21.36 7.08 -17.93
CA ALA A 214 21.83 7.29 -16.58
C ALA A 214 22.54 8.63 -16.53
N ALA A 215 22.10 9.49 -15.61
CA ALA A 215 22.66 10.81 -15.43
C ALA A 215 24.10 10.68 -14.87
N THR A 216 24.99 11.55 -15.36
CA THR A 216 26.36 11.52 -14.88
C THR A 216 26.42 12.25 -13.52
N ARG A 217 27.59 12.17 -12.87
CA ARG A 217 27.87 13.01 -11.70
C ARG A 217 27.67 14.49 -11.92
N GLU A 218 28.17 14.99 -13.04
CA GLU A 218 28.07 16.40 -13.38
C GLU A 218 26.56 16.82 -13.54
N GLN A 219 25.79 16.01 -14.24
CA GLN A 219 24.33 16.26 -14.43
C GLN A 219 23.55 16.23 -13.13
N LEU A 220 23.79 15.21 -12.32
CA LEU A 220 23.14 15.11 -11.02
C LEU A 220 23.53 16.28 -10.10
N THR A 221 24.80 16.73 -10.22
CA THR A 221 25.28 17.94 -9.54
C THR A 221 24.43 19.12 -9.96
N GLN A 222 24.29 19.34 -11.27
CA GLN A 222 23.37 20.33 -11.79
C GLN A 222 21.95 20.24 -11.23
N LEU A 223 21.44 19.00 -11.14
CA LEU A 223 20.08 18.73 -10.66
C LEU A 223 19.93 19.15 -9.18
N VAL A 224 20.88 18.77 -8.32
CA VAL A 224 20.89 19.23 -6.93
C VAL A 224 21.00 20.76 -6.91
N GLU A 225 21.87 21.36 -7.71
CA GLU A 225 22.07 22.80 -7.64
C GLU A 225 20.78 23.50 -8.06
N PHE A 226 20.16 23.00 -9.12
CA PHE A 226 18.87 23.42 -9.55
C PHE A 226 17.77 23.33 -8.46
N ALA A 227 17.63 22.18 -7.82
CA ALA A 227 16.62 21.99 -6.77
C ALA A 227 16.94 22.88 -5.57
N LYS A 228 18.22 23.06 -5.24
CA LYS A 228 18.61 23.95 -4.11
C LYS A 228 18.23 25.39 -4.37
N LYS A 229 18.48 25.89 -5.57
CA LYS A 229 18.12 27.28 -5.83
C LYS A 229 16.61 27.54 -6.00
N ASN A 230 15.91 26.60 -6.64
CA ASN A 230 14.44 26.67 -6.71
C ASN A 230 13.72 26.27 -5.41
N GLY A 231 14.44 25.80 -4.41
CA GLY A 231 13.78 25.28 -3.18
C GLY A 231 12.83 24.09 -3.47
N SER A 232 13.26 23.18 -4.34
CA SER A 232 12.46 22.01 -4.71
C SER A 232 12.92 20.74 -3.98
N ILE A 233 12.05 19.73 -3.98
CA ILE A 233 12.37 18.36 -3.53
C ILE A 233 12.48 17.45 -4.73
N ILE A 234 13.59 16.76 -4.85
CA ILE A 234 13.75 15.74 -5.86
C ILE A 234 13.30 14.39 -5.32
N VAL A 235 12.46 13.70 -6.07
CA VAL A 235 12.18 12.29 -5.71
C VAL A 235 12.95 11.43 -6.71
N TYR A 236 14.01 10.80 -6.20
CA TYR A 236 14.97 10.09 -7.05
C TYR A 236 14.63 8.61 -7.07
N ASP A 237 14.27 8.11 -8.23
CA ASP A 237 13.84 6.76 -8.41
C ASP A 237 15.06 5.96 -8.92
N SER A 238 15.60 5.13 -8.05
CA SER A 238 16.80 4.39 -8.37
C SER A 238 16.46 2.91 -8.61
N ALA A 239 15.24 2.63 -9.08
CA ALA A 239 14.82 1.28 -9.39
C ALA A 239 15.85 0.49 -10.20
N TYR A 240 16.53 1.14 -11.15
CA TYR A 240 17.50 0.42 -12.04
C TYR A 240 19.00 0.70 -11.76
N ALA A 241 19.34 1.28 -10.61
CA ALA A 241 20.73 1.75 -10.38
C ALA A 241 21.72 0.59 -10.39
N MET A 242 21.33 -0.59 -9.90
CA MET A 242 22.27 -1.71 -9.87
C MET A 242 22.50 -2.32 -11.27
N TYR A 243 21.84 -1.78 -12.31
CA TYR A 243 22.14 -2.15 -13.71
C TYR A 243 23.25 -1.24 -14.28
N MET A 244 23.75 -0.31 -13.47
CA MET A 244 24.76 0.65 -13.89
C MET A 244 26.00 -0.07 -14.44
N SER A 245 26.41 0.32 -15.64
CA SER A 245 27.69 -0.13 -16.21
C SER A 245 28.71 0.97 -16.26
N ASP A 246 28.31 2.14 -16.76
CA ASP A 246 29.16 3.31 -16.79
C ASP A 246 29.45 3.77 -15.37
N ASP A 247 30.54 4.49 -15.21
CA ASP A 247 30.93 5.07 -13.95
C ASP A 247 30.05 6.27 -13.57
N ASN A 248 28.79 6.02 -13.24
CA ASN A 248 27.83 7.04 -12.81
C ASN A 248 27.33 6.76 -11.38
N PRO A 249 26.95 7.81 -10.62
CA PRO A 249 26.34 7.61 -9.30
C PRO A 249 25.08 6.74 -9.38
N ARG A 250 25.01 5.82 -8.42
CA ARG A 250 23.89 4.91 -8.22
C ARG A 250 22.85 5.47 -7.21
N SER A 251 23.26 6.41 -6.38
CA SER A 251 22.37 7.11 -5.45
C SER A 251 22.56 8.61 -5.53
N ILE A 252 21.45 9.35 -5.52
CA ILE A 252 21.47 10.80 -5.51
C ILE A 252 22.27 11.33 -4.28
N PHE A 253 22.39 10.52 -3.24
CA PHE A 253 23.02 11.00 -2.01
C PHE A 253 24.55 11.04 -2.15
N GLU A 254 25.03 10.50 -3.28
CA GLU A 254 26.43 10.68 -3.69
C GLU A 254 26.76 12.12 -4.10
N ILE A 255 25.73 12.96 -4.33
CA ILE A 255 25.94 14.42 -4.62
C ILE A 255 25.92 15.22 -3.33
N PRO A 256 27.06 15.81 -2.94
CA PRO A 256 27.02 16.66 -1.76
C PRO A 256 25.94 17.71 -1.84
N GLY A 257 25.25 17.87 -0.73
CA GLY A 257 24.05 18.72 -0.66
C GLY A 257 22.72 18.07 -1.05
N ALA A 258 22.78 16.88 -1.66
CA ALA A 258 21.52 16.13 -1.98
C ALA A 258 20.60 15.95 -0.77
N GLU A 259 21.18 15.66 0.38
CA GLU A 259 20.43 15.50 1.64
C GLU A 259 19.55 16.69 2.11
N GLU A 260 19.70 17.85 1.48
CA GLU A 260 18.87 19.01 1.74
C GLU A 260 17.69 19.18 0.74
N VAL A 261 17.72 18.43 -0.38
CA VAL A 261 16.74 18.60 -1.44
C VAL A 261 16.15 17.28 -1.99
N ALA A 262 16.63 16.12 -1.54
CA ALA A 262 16.26 14.88 -2.22
C ALA A 262 15.86 13.80 -1.28
N MET A 263 15.02 12.92 -1.80
CA MET A 263 14.78 11.59 -1.20
C MET A 263 14.95 10.59 -2.33
N GLU A 264 15.03 9.32 -1.95
CA GLU A 264 15.26 8.25 -2.91
C GLU A 264 14.31 7.07 -2.70
N THR A 265 13.78 6.52 -3.77
CA THR A 265 12.91 5.36 -3.67
C THR A 265 13.45 4.25 -4.59
N ALA A 266 13.39 3.01 -4.12
CA ALA A 266 13.99 1.88 -4.84
C ALA A 266 13.17 0.63 -4.54
N SER A 267 13.57 -0.48 -5.13
CA SER A 267 12.80 -1.73 -5.03
C SER A 267 13.70 -2.95 -5.18
N PHE A 268 13.35 -4.06 -4.55
CA PHE A 268 14.01 -5.32 -4.90
C PHE A 268 13.42 -5.99 -6.17
N SER A 269 12.39 -5.39 -6.76
CA SER A 269 11.72 -6.05 -7.92
C SER A 269 12.67 -6.45 -9.06
N LYS A 270 13.50 -5.51 -9.51
CA LYS A 270 14.36 -5.77 -10.69
C LYS A 270 15.74 -6.35 -10.34
N TYR A 271 15.97 -6.56 -9.04
CA TYR A 271 17.23 -7.00 -8.49
C TYR A 271 17.16 -8.47 -8.09
N ALA A 272 16.03 -8.88 -7.50
CA ALA A 272 15.89 -10.28 -7.03
C ALA A 272 14.65 -10.98 -7.62
N GLY A 273 14.02 -10.39 -8.62
CA GLY A 273 12.80 -10.98 -9.22
C GLY A 273 11.57 -10.81 -8.31
N PHE A 274 11.59 -9.76 -7.50
CA PHE A 274 10.55 -9.53 -6.45
C PHE A 274 9.29 -8.78 -6.96
N THR A 275 9.09 -8.75 -8.28
CA THR A 275 7.93 -8.08 -8.84
C THR A 275 6.61 -8.61 -8.21
N GLY A 276 6.56 -9.91 -7.89
CA GLY A 276 5.33 -10.48 -7.26
C GLY A 276 5.45 -10.60 -5.75
N VAL A 277 6.68 -10.49 -5.25
CA VAL A 277 6.93 -10.75 -3.85
C VAL A 277 6.66 -9.50 -3.03
N ARG A 278 7.08 -8.36 -3.58
CA ARG A 278 6.74 -7.03 -3.08
C ARG A 278 7.64 -6.55 -1.94
N LEU A 279 8.70 -5.80 -2.28
CA LEU A 279 9.58 -5.21 -1.24
C LEU A 279 10.46 -4.08 -1.83
N GLY A 280 10.27 -2.88 -1.30
CA GLY A 280 11.14 -1.79 -1.63
C GLY A 280 11.43 -0.89 -0.44
N TRP A 281 11.95 0.30 -0.71
CA TRP A 281 12.22 1.26 0.36
C TRP A 281 12.27 2.66 -0.15
N THR A 282 12.08 3.60 0.77
CA THR A 282 12.31 4.99 0.49
C THR A 282 13.26 5.53 1.56
N VAL A 283 14.16 6.42 1.18
CA VAL A 283 15.06 7.06 2.14
C VAL A 283 14.78 8.55 2.17
N ILE A 284 14.45 9.08 3.34
CA ILE A 284 14.28 10.52 3.48
C ILE A 284 15.29 11.00 4.51
N PRO A 285 16.23 11.86 4.06
CA PRO A 285 17.31 12.36 4.96
C PRO A 285 16.77 13.33 6.01
N LYS A 286 17.43 13.39 7.18
CA LYS A 286 17.01 14.27 8.27
C LYS A 286 17.01 15.75 7.86
N LYS A 287 17.83 16.13 6.89
CA LYS A 287 18.04 17.54 6.55
C LYS A 287 17.07 18.06 5.48
N LEU A 288 16.19 17.17 5.01
CA LEU A 288 15.14 17.57 4.07
C LEU A 288 13.91 18.20 4.79
N LEU A 289 13.72 19.51 4.59
CA LEU A 289 12.75 20.30 5.35
C LEU A 289 11.80 21.04 4.46
N TYR A 290 10.55 21.10 4.88
CA TYR A 290 9.58 21.98 4.23
C TYR A 290 9.90 23.46 4.54
N SER A 291 9.26 24.39 3.80
CA SER A 291 9.48 25.82 3.95
C SER A 291 9.31 26.40 5.33
N ASP A 292 8.63 25.66 6.23
CA ASP A 292 8.46 26.10 7.64
C ASP A 292 9.42 25.41 8.62
N GLY A 293 10.33 24.57 8.09
CA GLY A 293 11.34 23.91 8.89
C GLY A 293 10.95 22.53 9.34
N PHE A 294 9.73 22.12 9.00
CA PHE A 294 9.26 20.81 9.40
C PHE A 294 9.92 19.71 8.52
N PRO A 295 10.46 18.66 9.16
CA PRO A 295 11.15 17.58 8.48
C PRO A 295 10.17 16.74 7.65
N VAL A 296 10.42 16.66 6.33
CA VAL A 296 9.59 15.87 5.43
C VAL A 296 9.45 14.42 5.95
N ALA A 297 10.55 13.80 6.40
CA ALA A 297 10.45 12.42 6.94
C ALA A 297 9.39 12.22 7.99
N LYS A 298 9.06 13.27 8.76
CA LYS A 298 8.11 13.09 9.85
C LYS A 298 6.70 12.97 9.31
N ASP A 299 6.38 13.71 8.25
CA ASP A 299 5.11 13.49 7.57
C ASP A 299 5.05 12.12 6.86
N PHE A 300 6.14 11.66 6.26
CA PHE A 300 6.11 10.35 5.64
C PHE A 300 5.87 9.29 6.65
N ASN A 301 6.51 9.45 7.80
CA ASN A 301 6.33 8.51 8.88
C ASN A 301 4.84 8.45 9.31
N ARG A 302 4.19 9.59 9.41
CA ARG A 302 2.75 9.63 9.73
C ARG A 302 1.94 8.90 8.63
N ILE A 303 2.21 9.20 7.36
CA ILE A 303 1.55 8.48 6.26
C ILE A 303 1.71 6.96 6.39
N ILE A 304 2.93 6.53 6.66
CA ILE A 304 3.31 5.13 6.71
C ILE A 304 2.63 4.40 7.88
N CYS A 305 2.39 5.12 8.99
CA CYS A 305 1.71 4.57 10.20
C CYS A 305 0.18 4.51 10.11
N THR A 306 -0.38 5.38 9.28
CA THR A 306 -1.81 5.60 9.18
C THR A 306 -2.39 4.91 7.95
N CYS A 307 -1.62 4.85 6.87
CA CYS A 307 -2.11 4.45 5.56
C CYS A 307 -1.55 3.11 5.09
N PHE A 308 -0.73 2.50 5.93
CA PHE A 308 0.00 1.28 5.55
C PHE A 308 0.21 0.52 6.80
N ASN A 309 0.39 -0.79 6.72
CA ASN A 309 0.59 -1.59 7.91
C ASN A 309 1.86 -2.39 7.79
N GLY A 310 2.77 -1.93 6.94
CA GLY A 310 4.08 -2.58 6.82
C GLY A 310 4.14 -3.62 5.69
N ALA A 311 5.36 -3.82 5.17
CA ALA A 311 5.62 -4.83 4.18
C ALA A 311 5.44 -6.23 4.78
N SER A 312 5.15 -7.21 3.94
CA SER A 312 4.98 -8.55 4.42
C SER A 312 6.25 -9.02 5.17
N ASN A 313 6.06 -9.64 6.33
CA ASN A 313 7.16 -10.20 7.08
C ASN A 313 8.04 -11.20 6.33
N ILE A 314 7.44 -11.98 5.42
CA ILE A 314 8.16 -12.98 4.62
C ILE A 314 8.99 -12.26 3.53
N SER A 315 8.40 -11.26 2.91
CA SER A 315 9.14 -10.46 1.93
C SER A 315 10.37 -9.78 2.57
N GLN A 316 10.19 -9.23 3.77
CA GLN A 316 11.27 -8.62 4.54
C GLN A 316 12.36 -9.61 4.84
N ALA A 317 11.98 -10.83 5.24
CA ALA A 317 12.99 -11.87 5.43
C ALA A 317 13.71 -12.23 4.12
N GLY A 318 13.03 -12.17 2.98
CA GLY A 318 13.71 -12.38 1.72
C GLY A 318 14.68 -11.26 1.41
N ALA A 319 14.26 -10.01 1.64
CA ALA A 319 15.16 -8.85 1.39
C ALA A 319 16.39 -8.91 2.31
N LEU A 320 16.18 -9.29 3.57
CA LEU A 320 17.31 -9.44 4.48
C LEU A 320 18.36 -10.40 3.94
N ALA A 321 17.89 -11.54 3.43
CA ALA A 321 18.76 -12.53 2.84
C ALA A 321 19.42 -12.03 1.55
N CYS A 322 18.79 -11.09 0.85
CA CYS A 322 19.41 -10.51 -0.32
C CYS A 322 20.71 -9.75 0.05
N LEU A 323 20.71 -9.10 1.22
CA LEU A 323 21.82 -8.18 1.58
C LEU A 323 22.85 -8.91 2.43
N THR A 324 23.45 -9.93 1.85
CA THR A 324 24.44 -10.80 2.47
C THR A 324 25.37 -11.18 1.31
N PRO A 325 26.59 -11.72 1.62
CA PRO A 325 27.45 -12.07 0.48
C PRO A 325 26.77 -13.00 -0.57
N GLU A 326 26.10 -14.04 -0.11
CA GLU A 326 25.43 -14.98 -1.02
C GLU A 326 24.29 -14.29 -1.80
N GLY A 327 23.52 -13.44 -1.10
CA GLY A 327 22.44 -12.71 -1.74
C GLY A 327 22.90 -11.69 -2.74
N LEU A 328 24.01 -10.99 -2.45
CA LEU A 328 24.48 -9.99 -3.40
C LEU A 328 25.03 -10.64 -4.65
N GLU A 329 25.70 -11.78 -4.44
CA GLU A 329 26.26 -12.53 -5.55
C GLU A 329 25.12 -13.02 -6.45
N ALA A 330 24.08 -13.55 -5.83
CA ALA A 330 22.89 -14.05 -6.58
C ALA A 330 22.23 -12.92 -7.40
N MET A 331 22.01 -11.77 -6.79
CA MET A 331 21.43 -10.63 -7.52
C MET A 331 22.31 -10.15 -8.67
N HIS A 332 23.63 -10.06 -8.44
CA HIS A 332 24.55 -9.68 -9.52
C HIS A 332 24.40 -10.64 -10.70
N LYS A 333 24.36 -11.93 -10.41
CA LYS A 333 24.14 -12.98 -11.45
C LYS A 333 22.83 -12.74 -12.24
N VAL A 334 21.74 -12.44 -11.55
CA VAL A 334 20.43 -12.16 -12.15
C VAL A 334 20.48 -10.93 -13.05
N ILE A 335 21.00 -9.85 -12.49
CA ILE A 335 21.16 -8.62 -13.21
C ILE A 335 22.06 -8.89 -14.40
N GLY A 336 23.17 -9.60 -14.18
CA GLY A 336 24.09 -9.88 -15.29
C GLY A 336 23.36 -10.56 -16.46
N PHE A 337 22.49 -11.51 -16.11
CA PHE A 337 21.80 -12.29 -17.11
C PHE A 337 20.89 -11.35 -17.91
N TYR A 338 20.12 -10.50 -17.23
CA TYR A 338 19.26 -9.54 -17.98
C TYR A 338 20.05 -8.52 -18.76
N LYS A 339 21.25 -8.18 -18.24
CA LYS A 339 22.12 -7.26 -19.01
C LYS A 339 22.59 -7.90 -20.33
N GLU A 340 22.85 -9.21 -20.32
CA GLU A 340 23.23 -9.95 -21.54
C GLU A 340 22.05 -10.03 -22.54
N ASN A 341 20.83 -10.28 -22.05
CA ASN A 341 19.64 -10.07 -22.89
C ASN A 341 19.63 -8.72 -23.54
N THR A 342 19.96 -7.66 -22.77
CA THR A 342 19.91 -6.29 -23.30
C THR A 342 20.91 -6.10 -24.44
N ASN A 343 22.12 -6.67 -24.28
CA ASN A 343 23.14 -6.60 -25.32
C ASN A 343 22.63 -7.21 -26.64
N ILE A 344 21.99 -8.37 -26.52
CA ILE A 344 21.42 -9.10 -27.64
C ILE A 344 20.44 -8.20 -28.34
N ILE A 345 19.50 -7.60 -27.60
CA ILE A 345 18.53 -6.69 -28.23
C ILE A 345 19.16 -5.45 -28.88
N ILE A 346 20.04 -4.76 -28.15
CA ILE A 346 20.83 -3.64 -28.72
C ILE A 346 21.50 -4.04 -30.02
N ASP A 347 22.25 -5.14 -30.01
CA ASP A 347 23.01 -5.54 -31.20
C ASP A 347 22.10 -5.76 -32.38
N THR A 348 20.96 -6.43 -32.12
CA THR A 348 19.96 -6.64 -33.15
C THR A 348 19.51 -5.34 -33.82
N PHE A 349 19.10 -4.37 -33.00
CA PHE A 349 18.58 -3.15 -33.59
C PHE A 349 19.66 -2.33 -34.28
N THR A 350 20.89 -2.36 -33.75
CA THR A 350 22.01 -1.60 -34.35
C THR A 350 22.35 -2.27 -35.69
N SER A 351 22.46 -3.60 -35.68
CA SER A 351 22.70 -4.35 -36.89
C SER A 351 21.66 -4.02 -37.95
N LEU A 352 20.44 -3.71 -37.52
CA LEU A 352 19.36 -3.39 -38.45
C LEU A 352 19.34 -1.93 -38.93
N GLY A 353 20.30 -1.15 -38.45
CA GLY A 353 20.44 0.28 -38.82
C GLY A 353 19.56 1.25 -38.02
N TYR A 354 19.04 0.81 -36.87
CA TYR A 354 18.26 1.71 -36.01
C TYR A 354 19.10 2.62 -35.16
N ASP A 355 18.61 3.84 -34.93
CA ASP A 355 19.09 4.63 -33.79
C ASP A 355 18.46 4.02 -32.54
N VAL A 356 19.28 3.33 -31.76
CA VAL A 356 18.83 2.66 -30.55
C VAL A 356 19.59 3.29 -29.40
N TYR A 357 18.89 3.52 -28.31
CA TYR A 357 19.45 4.16 -27.13
C TYR A 357 19.25 3.32 -25.91
N GLY A 358 19.87 3.75 -24.81
CA GLY A 358 19.81 3.02 -23.56
C GLY A 358 20.50 1.68 -23.72
N GLY A 359 20.02 0.70 -22.97
CA GLY A 359 20.54 -0.63 -23.04
C GLY A 359 21.99 -0.77 -22.64
N LYS A 360 22.49 0.13 -21.79
CA LYS A 360 23.89 0.13 -21.32
C LYS A 360 23.88 0.06 -19.83
N ASN A 361 23.03 0.91 -19.25
CA ASN A 361 22.92 1.10 -17.82
C ASN A 361 21.54 0.68 -17.30
N ALA A 362 20.77 -0.02 -18.14
CA ALA A 362 19.37 -0.32 -17.85
C ALA A 362 18.95 -1.49 -18.73
N PRO A 363 17.93 -2.29 -18.29
CA PRO A 363 17.41 -3.45 -19.06
C PRO A 363 16.34 -3.04 -20.11
N TYR A 364 16.42 -1.82 -20.59
CA TYR A 364 15.48 -1.29 -21.59
C TYR A 364 16.27 -0.75 -22.77
N VAL A 365 15.81 -1.05 -23.97
CA VAL A 365 16.36 -0.34 -25.07
C VAL A 365 15.29 0.56 -25.66
N TRP A 366 15.73 1.74 -26.06
CA TRP A 366 14.84 2.83 -26.45
C TRP A 366 15.12 3.10 -27.94
N VAL A 367 14.22 2.61 -28.80
CA VAL A 367 14.51 2.50 -30.21
C VAL A 367 13.78 3.61 -30.92
N HIS A 368 14.50 4.35 -31.73
CA HIS A 368 13.90 5.48 -32.47
C HIS A 368 13.26 5.03 -33.79
N PHE A 369 11.97 5.33 -33.99
CA PHE A 369 11.22 4.96 -35.22
C PHE A 369 10.72 6.24 -35.84
N PRO A 370 11.59 6.93 -36.59
CA PRO A 370 11.17 8.30 -36.84
C PRO A 370 10.15 8.27 -37.97
N ASN A 371 9.32 9.30 -38.02
CA ASN A 371 8.24 9.37 -38.98
C ASN A 371 7.04 8.44 -38.72
N GLN A 372 7.06 7.70 -37.61
CA GLN A 372 5.93 6.87 -37.23
C GLN A 372 5.41 7.25 -35.83
N SER A 373 4.12 7.06 -35.55
CA SER A 373 3.62 7.20 -34.21
C SER A 373 3.96 5.92 -33.47
N SER A 374 4.35 6.06 -32.20
CA SER A 374 4.61 4.95 -31.28
C SER A 374 3.57 3.85 -31.27
N TRP A 375 2.32 4.28 -31.13
CA TRP A 375 1.20 3.33 -31.04
C TRP A 375 1.09 2.54 -32.30
N ASP A 376 1.39 3.18 -33.43
CA ASP A 376 1.38 2.48 -34.74
C ASP A 376 2.52 1.52 -34.84
N VAL A 377 3.69 1.91 -34.34
CA VAL A 377 4.81 0.95 -34.35
C VAL A 377 4.50 -0.24 -33.44
N PHE A 378 3.96 0.05 -32.25
CA PHE A 378 3.58 -1.01 -31.33
C PHE A 378 2.66 -2.03 -32.05
N ALA A 379 1.61 -1.52 -32.71
CA ALA A 379 0.60 -2.36 -33.37
C ALA A 379 1.22 -3.18 -34.50
N GLU A 380 2.14 -2.54 -35.21
CA GLU A 380 2.82 -3.15 -36.37
C GLU A 380 3.70 -4.32 -35.91
N ILE A 381 4.54 -4.08 -34.91
CA ILE A 381 5.39 -5.14 -34.37
C ILE A 381 4.54 -6.28 -33.81
N LEU A 382 3.49 -5.93 -33.06
CA LEU A 382 2.66 -6.96 -32.43
C LEU A 382 1.98 -7.78 -33.55
N GLU A 383 1.49 -7.05 -34.56
CA GLU A 383 0.76 -7.64 -35.68
C GLU A 383 1.63 -8.63 -36.47
N LYS A 384 2.79 -8.17 -36.95
CA LYS A 384 3.72 -8.96 -37.78
C LYS A 384 4.62 -9.96 -37.03
N THR A 385 4.97 -9.68 -35.77
CA THR A 385 5.95 -10.59 -35.12
C THR A 385 5.47 -11.28 -33.87
N HIS A 386 4.24 -10.99 -33.46
CA HIS A 386 3.69 -11.50 -32.20
C HIS A 386 4.59 -11.18 -31.00
N VAL A 387 5.21 -9.98 -31.04
CA VAL A 387 6.05 -9.48 -29.94
C VAL A 387 5.40 -8.24 -29.36
N VAL A 388 5.21 -8.23 -28.04
CA VAL A 388 4.65 -7.06 -27.36
C VAL A 388 5.81 -6.10 -27.01
N THR A 389 5.65 -4.83 -27.34
CA THR A 389 6.58 -3.81 -26.90
C THR A 389 5.79 -2.79 -26.07
N THR A 390 6.44 -1.70 -25.63
CA THR A 390 5.68 -0.61 -25.06
C THR A 390 5.86 0.62 -25.92
N PRO A 391 4.77 1.26 -26.42
CA PRO A 391 4.91 2.49 -27.18
C PRO A 391 5.43 3.69 -26.37
N GLY A 392 6.34 4.44 -26.95
CA GLY A 392 7.01 5.48 -26.25
C GLY A 392 6.06 6.51 -25.70
N SER A 393 5.01 6.83 -26.44
CA SER A 393 4.11 7.91 -26.04
C SER A 393 3.23 7.52 -24.84
N GLY A 394 3.22 6.24 -24.45
CA GLY A 394 2.66 5.87 -23.14
C GLY A 394 3.49 6.44 -21.99
N PHE A 395 4.71 6.89 -22.31
CA PHE A 395 5.55 7.52 -21.29
C PHE A 395 5.54 9.02 -21.38
N GLY A 396 4.51 9.58 -22.00
CA GLY A 396 4.46 11.03 -22.14
C GLY A 396 4.80 11.44 -23.57
N PRO A 397 4.48 12.70 -23.92
CA PRO A 397 4.60 13.22 -25.28
C PRO A 397 6.05 13.24 -25.82
N GLY A 398 7.04 13.38 -24.94
CA GLY A 398 8.45 13.28 -25.39
C GLY A 398 8.83 11.87 -25.85
N GLY A 399 8.02 10.87 -25.50
CA GLY A 399 8.23 9.52 -25.99
C GLY A 399 7.71 9.22 -27.41
N GLU A 400 6.97 10.16 -28.02
CA GLU A 400 6.40 9.92 -29.34
C GLU A 400 7.51 9.66 -30.38
N GLY A 401 7.31 8.62 -31.19
CA GLY A 401 8.36 8.23 -32.13
C GLY A 401 9.38 7.24 -31.63
N PHE A 402 9.22 6.75 -30.39
CA PHE A 402 10.11 5.73 -29.87
C PHE A 402 9.30 4.53 -29.38
N VAL A 403 9.99 3.43 -29.17
CA VAL A 403 9.41 2.22 -28.62
C VAL A 403 10.40 1.75 -27.57
N ARG A 404 9.89 1.46 -26.37
CA ARG A 404 10.72 0.83 -25.37
C ARG A 404 10.64 -0.68 -25.54
N VAL A 405 11.80 -1.31 -25.60
CA VAL A 405 11.86 -2.77 -25.64
C VAL A 405 12.46 -3.30 -24.35
N SER A 406 11.70 -4.11 -23.64
CA SER A 406 12.21 -4.65 -22.38
C SER A 406 13.05 -5.91 -22.61
N ALA A 407 14.12 -6.09 -21.79
CA ALA A 407 15.04 -7.22 -21.93
C ALA A 407 14.76 -8.39 -20.98
N PHE A 408 13.76 -8.24 -20.11
CA PHE A 408 13.40 -9.33 -19.19
C PHE A 408 12.75 -10.42 -20.04
N GLY A 409 13.32 -11.61 -20.01
CA GLY A 409 12.78 -12.75 -20.74
C GLY A 409 13.73 -13.92 -20.59
N HIS A 410 13.23 -15.12 -20.84
CA HIS A 410 14.14 -16.26 -20.93
C HIS A 410 15.04 -16.03 -22.11
N ARG A 411 16.23 -16.61 -22.07
CA ARG A 411 17.22 -16.37 -23.15
C ARG A 411 16.63 -16.75 -24.51
N GLU A 412 16.04 -17.95 -24.58
CA GLU A 412 15.45 -18.42 -25.83
C GLU A 412 14.38 -17.49 -26.37
N ASN A 413 13.55 -16.92 -25.50
CA ASN A 413 12.53 -15.96 -25.94
C ASN A 413 13.13 -14.66 -26.47
N ILE A 414 14.20 -14.20 -25.83
CA ILE A 414 14.88 -13.01 -26.30
C ILE A 414 15.45 -13.26 -27.69
N LEU A 415 16.13 -14.39 -27.83
CA LEU A 415 16.76 -14.76 -29.13
C LEU A 415 15.72 -14.88 -30.23
N GLU A 416 14.62 -15.54 -29.92
CA GLU A 416 13.55 -15.73 -30.91
C GLU A 416 12.92 -14.39 -31.30
N ALA A 417 12.66 -13.51 -30.32
CA ALA A 417 12.10 -12.21 -30.67
C ALA A 417 13.03 -11.45 -31.59
N CYS A 418 14.33 -11.57 -31.33
CA CYS A 418 15.33 -10.90 -32.12
C CYS A 418 15.40 -11.47 -33.56
N ARG A 419 15.28 -12.79 -33.75
CA ARG A 419 15.19 -13.26 -35.14
C ARG A 419 13.94 -12.80 -35.86
N ARG A 420 12.82 -12.75 -35.14
CA ARG A 420 11.61 -12.16 -35.66
C ARG A 420 11.78 -10.69 -36.08
N PHE A 421 12.41 -9.86 -35.25
CA PHE A 421 12.73 -8.48 -35.65
C PHE A 421 13.59 -8.47 -36.93
N LYS A 422 14.55 -9.37 -37.01
CA LYS A 422 15.48 -9.37 -38.14
C LYS A 422 14.76 -9.58 -39.48
N GLN A 423 13.74 -10.44 -39.44
CA GLN A 423 12.90 -10.75 -40.60
C GLN A 423 11.93 -9.64 -40.98
N LEU A 424 11.25 -9.06 -40.01
CA LEU A 424 10.40 -7.90 -40.24
C LEU A 424 11.18 -6.76 -40.89
N TYR A 425 12.37 -6.47 -40.37
CA TYR A 425 13.07 -5.20 -40.65
C TYR A 425 14.30 -5.26 -41.57
N LYS A 426 14.69 -6.47 -41.98
CA LYS A 426 15.84 -6.67 -42.90
C LYS A 426 15.85 -5.74 -44.15
N GLU B 19 20.31 27.16 8.71
CA GLU B 19 20.03 25.81 8.12
C GLU B 19 19.12 25.92 6.88
N TYR B 20 19.40 25.05 5.92
CA TYR B 20 18.68 25.06 4.66
C TYR B 20 17.27 24.41 4.78
N LYS B 21 16.28 25.07 4.18
CA LYS B 21 14.95 24.55 3.99
C LYS B 21 14.58 24.81 2.57
N THR B 22 13.75 23.92 2.02
CA THR B 22 13.19 24.07 0.70
C THR B 22 12.11 25.15 0.78
N LYS B 23 11.54 25.48 -0.38
CA LYS B 23 10.41 26.39 -0.51
C LYS B 23 9.13 25.58 -0.75
N VAL B 24 9.14 24.27 -0.46
CA VAL B 24 7.87 23.53 -0.53
C VAL B 24 7.03 23.61 0.74
N SER B 25 5.80 24.05 0.52
CA SER B 25 4.86 24.21 1.64
C SER B 25 4.44 22.87 2.12
N ARG B 26 4.58 22.65 3.41
CA ARG B 26 4.07 21.43 4.00
C ARG B 26 2.56 21.30 3.65
N ASN B 27 2.12 20.08 3.40
CA ASN B 27 0.71 19.75 3.11
C ASN B 27 -0.12 20.23 4.30
N SER B 28 -1.04 21.17 4.06
CA SER B 28 -1.87 21.65 5.18
C SER B 28 -2.73 20.54 5.86
N ASN B 29 -3.01 19.46 5.16
CA ASN B 29 -3.82 18.38 5.74
C ASN B 29 -3.01 17.56 6.74
N MET B 30 -1.68 17.50 6.54
CA MET B 30 -0.79 16.90 7.51
C MET B 30 -0.69 17.74 8.79
N SER B 31 -0.77 19.06 8.65
CA SER B 31 -0.65 19.98 9.79
C SER B 31 -1.85 19.84 10.69
N LYS B 32 -2.99 19.52 10.06
CA LYS B 32 -4.29 19.39 10.77
C LYS B 32 -4.27 18.30 11.82
N LEU B 33 -3.54 17.21 11.54
CA LEU B 33 -3.52 16.06 12.46
C LEU B 33 -3.12 16.54 13.81
N GLN B 34 -3.95 16.24 14.80
CA GLN B 34 -3.80 16.75 16.14
C GLN B 34 -2.58 16.16 16.84
N ALA B 35 -2.24 14.90 16.53
CA ALA B 35 -1.16 14.16 17.22
C ALA B 35 -0.71 13.04 16.29
N GLY B 36 0.27 12.24 16.72
CA GLY B 36 0.66 11.04 15.98
C GLY B 36 -0.47 10.01 15.93
N TYR B 37 -0.35 9.05 15.02
CA TYR B 37 -1.32 7.94 14.94
C TYR B 37 -1.37 7.22 16.30
N LEU B 38 -2.55 6.79 16.73
CA LEU B 38 -2.75 6.18 18.05
C LEU B 38 -1.76 5.07 18.49
N PHE B 39 -1.60 4.03 17.66
CA PHE B 39 -0.85 2.84 18.12
C PHE B 39 0.69 3.08 18.32
N PRO B 40 1.33 3.82 17.40
CA PRO B 40 2.72 4.25 17.66
C PRO B 40 2.89 5.10 18.94
N GLU B 41 1.91 5.96 19.26
CA GLU B 41 1.92 6.71 20.50
C GLU B 41 1.89 5.83 21.78
N ILE B 42 1.08 4.77 21.77
CA ILE B 42 1.05 3.74 22.82
C ILE B 42 2.39 2.99 22.89
N ALA B 43 2.92 2.59 21.73
CA ALA B 43 4.16 1.85 21.68
C ALA B 43 5.31 2.70 22.24
N ARG B 44 5.23 4.01 22.02
CA ARG B 44 6.17 4.97 22.57
C ARG B 44 6.12 4.95 24.12
N ARG B 45 4.92 5.03 24.66
CA ARG B 45 4.74 4.99 26.09
C ARG B 45 5.19 3.66 26.69
N ARG B 46 4.98 2.56 25.98
CA ARG B 46 5.44 1.31 26.51
C ARG B 46 6.97 1.23 26.44
N SER B 47 7.56 1.93 25.47
CA SER B 47 9.01 2.00 25.36
C SER B 47 9.62 2.75 26.52
N ALA B 48 9.01 3.87 26.88
CA ALA B 48 9.43 4.71 27.95
C ALA B 48 9.30 3.93 29.26
N HIS B 49 8.21 3.17 29.39
CA HIS B 49 8.02 2.33 30.55
C HIS B 49 9.19 1.33 30.70
N LEU B 50 9.63 0.72 29.60
CA LEU B 50 10.71 -0.26 29.68
C LEU B 50 12.08 0.39 29.90
N LEU B 51 12.24 1.63 29.46
CA LEU B 51 13.32 2.50 29.91
C LEU B 51 13.38 2.64 31.42
N LYS B 52 12.27 3.03 32.03
CA LYS B 52 12.16 3.25 33.47
C LYS B 52 12.38 1.91 34.19
N TYR B 53 11.72 0.85 33.72
CA TYR B 53 11.81 -0.45 34.36
C TYR B 53 12.27 -1.52 33.38
N PRO B 54 13.59 -1.63 33.17
CA PRO B 54 14.03 -2.46 32.04
C PRO B 54 13.67 -3.94 32.21
N ASP B 55 13.40 -4.35 33.45
CA ASP B 55 13.12 -5.76 33.73
C ASP B 55 11.62 -6.04 33.93
N ALA B 56 10.78 -5.04 33.67
CA ALA B 56 9.32 -5.21 33.74
C ALA B 56 8.88 -6.27 32.72
N GLN B 57 8.05 -7.22 33.17
CA GLN B 57 7.44 -8.16 32.25
C GLN B 57 6.19 -7.53 31.73
N VAL B 58 6.31 -6.73 30.68
CA VAL B 58 5.16 -6.04 30.09
C VAL B 58 4.23 -7.06 29.41
N ILE B 59 2.93 -6.95 29.71
CA ILE B 59 1.94 -7.73 28.95
C ILE B 59 1.19 -6.72 28.06
N SER B 60 1.28 -6.90 26.73
CA SER B 60 0.63 -5.93 25.84
C SER B 60 -0.77 -6.36 25.40
N LEU B 61 -1.79 -5.67 25.91
CA LEU B 61 -3.20 -5.76 25.45
C LEU B 61 -3.65 -4.43 24.86
N GLY B 62 -2.73 -3.72 24.24
CA GLY B 62 -3.04 -2.44 23.65
C GLY B 62 -3.43 -2.72 22.22
N ILE B 63 -2.44 -2.65 21.33
CA ILE B 63 -2.67 -2.90 19.89
C ILE B 63 -3.26 -4.32 19.74
N GLY B 64 -4.30 -4.45 18.90
CA GLY B 64 -4.95 -5.74 18.71
C GLY B 64 -4.15 -6.61 17.76
N ASP B 65 -3.09 -7.23 18.26
CA ASP B 65 -2.24 -8.05 17.42
C ASP B 65 -2.33 -9.51 17.80
N THR B 66 -2.52 -10.34 16.76
CA THR B 66 -2.52 -11.79 16.94
C THR B 66 -1.18 -12.28 17.50
N THR B 67 -1.26 -13.32 18.31
CA THR B 67 -0.09 -13.75 19.07
C THR B 67 0.19 -15.23 18.86
N GLU B 68 -0.83 -15.98 18.45
CA GLU B 68 -0.65 -17.41 18.26
C GLU B 68 -0.05 -17.72 16.89
N PRO B 69 0.71 -18.86 16.79
CA PRO B 69 1.29 -19.29 15.53
C PRO B 69 0.22 -19.40 14.42
N ILE B 70 0.61 -19.08 13.20
CA ILE B 70 -0.18 -19.42 12.03
C ILE B 70 -0.26 -20.93 11.85
N PRO B 71 -1.48 -21.46 11.57
CA PRO B 71 -1.64 -22.90 11.41
C PRO B 71 -0.70 -23.46 10.34
N GLU B 72 -0.15 -24.65 10.61
CA GLU B 72 0.82 -25.25 9.71
C GLU B 72 0.32 -25.37 8.28
N VAL B 73 -0.97 -25.62 8.11
CA VAL B 73 -1.53 -25.82 6.77
C VAL B 73 -1.39 -24.53 5.94
N ILE B 74 -1.49 -23.39 6.61
CA ILE B 74 -1.39 -22.12 5.92
C ILE B 74 0.09 -21.73 5.62
N THR B 75 0.98 -21.89 6.58
CA THR B 75 2.43 -21.63 6.35
C THR B 75 3.07 -22.63 5.39
N SER B 76 2.67 -23.90 5.42
CA SER B 76 3.23 -24.84 4.43
C SER B 76 2.97 -24.41 3.02
N ALA B 77 1.75 -23.93 2.78
CA ALA B 77 1.38 -23.36 1.47
C ALA B 77 2.26 -22.17 1.09
N MET B 78 2.47 -21.28 2.05
CA MET B 78 3.36 -20.13 1.79
C MET B 78 4.78 -20.57 1.48
N ALA B 79 5.31 -21.53 2.25
CA ALA B 79 6.67 -22.07 2.03
C ALA B 79 6.78 -22.74 0.68
N LYS B 80 5.71 -23.40 0.25
CA LYS B 80 5.70 -24.04 -1.04
C LYS B 80 5.77 -23.00 -2.17
N LYS B 81 5.01 -21.93 -2.04
CA LYS B 81 5.04 -20.88 -3.04
C LYS B 81 6.47 -20.29 -3.10
N ALA B 82 7.04 -20.00 -1.93
CA ALA B 82 8.43 -19.53 -1.87
C ALA B 82 9.37 -20.48 -2.65
N HIS B 83 9.41 -21.76 -2.28
CA HIS B 83 10.15 -22.76 -3.10
C HIS B 83 9.85 -22.71 -4.61
N GLU B 84 8.56 -22.65 -4.98
CA GLU B 84 8.19 -22.69 -6.40
C GLU B 84 8.78 -21.51 -7.12
N LEU B 85 8.87 -20.41 -6.41
CA LEU B 85 9.47 -19.18 -6.97
C LEU B 85 10.95 -19.34 -7.43
N SER B 86 11.62 -20.35 -6.93
CA SER B 86 12.97 -20.72 -7.38
C SER B 86 13.05 -21.70 -8.55
N THR B 87 11.91 -22.09 -9.11
CA THR B 87 11.90 -23.03 -10.26
C THR B 87 11.40 -22.33 -11.53
N ILE B 88 11.78 -22.86 -12.70
CA ILE B 88 11.37 -22.23 -13.96
C ILE B 88 9.85 -22.28 -14.10
N GLU B 89 9.30 -23.45 -13.79
CA GLU B 89 7.87 -23.67 -13.90
C GLU B 89 7.08 -22.88 -12.86
N GLY B 90 7.50 -22.87 -11.60
CA GLY B 90 6.70 -22.22 -10.56
C GLY B 90 6.92 -20.73 -10.32
N TYR B 91 7.92 -20.13 -10.97
CA TYR B 91 8.18 -18.70 -10.75
C TYR B 91 7.05 -17.88 -11.38
N SER B 92 6.62 -16.85 -10.65
CA SER B 92 5.73 -15.82 -11.20
C SER B 92 6.21 -14.42 -10.77
N GLY B 93 5.98 -13.44 -11.66
CA GLY B 93 6.31 -12.03 -11.43
C GLY B 93 5.08 -11.23 -10.99
N TYR B 94 4.87 -10.06 -11.60
CA TYR B 94 3.66 -9.25 -11.33
C TYR B 94 2.39 -10.08 -11.49
N GLY B 95 1.43 -9.93 -10.57
CA GLY B 95 0.12 -10.58 -10.73
C GLY B 95 -0.94 -9.64 -11.27
N ALA B 96 -2.13 -10.17 -11.60
CA ALA B 96 -3.32 -9.29 -11.82
C ALA B 96 -3.42 -8.39 -10.58
N GLU B 97 -3.43 -7.05 -10.71
CA GLU B 97 -3.43 -6.15 -9.50
C GLU B 97 -4.60 -6.33 -8.54
N GLN B 98 -5.78 -6.70 -9.10
CA GLN B 98 -6.97 -7.16 -8.30
C GLN B 98 -6.75 -8.45 -7.51
N GLY B 99 -5.73 -9.22 -7.88
CA GLY B 99 -5.40 -10.47 -7.21
C GLY B 99 -5.63 -11.70 -8.08
N ALA B 100 -5.03 -12.82 -7.70
CA ALA B 100 -5.13 -14.07 -8.46
C ALA B 100 -6.61 -14.45 -8.58
N LYS B 101 -7.04 -14.80 -9.79
CA LYS B 101 -8.45 -15.14 -9.99
C LYS B 101 -8.96 -16.24 -9.06
N PRO B 102 -8.21 -17.35 -8.89
CA PRO B 102 -8.72 -18.34 -7.93
C PRO B 102 -8.92 -17.78 -6.53
N LEU B 103 -8.07 -16.84 -6.09
CA LEU B 103 -8.24 -16.33 -4.73
C LEU B 103 -9.47 -15.42 -4.67
N ARG B 104 -9.60 -14.53 -5.64
CA ARG B 104 -10.84 -13.75 -5.74
C ARG B 104 -12.16 -14.61 -5.71
N ALA B 105 -12.15 -15.77 -6.39
CA ALA B 105 -13.29 -16.70 -6.44
C ALA B 105 -13.55 -17.33 -5.09
N ALA B 106 -12.46 -17.78 -4.44
CA ALA B 106 -12.56 -18.41 -3.14
C ALA B 106 -13.17 -17.44 -2.11
N ILE B 107 -12.70 -16.19 -2.12
CA ILE B 107 -13.22 -15.14 -1.21
C ILE B 107 -14.71 -14.91 -1.58
N ALA B 108 -14.99 -14.63 -2.87
CA ALA B 108 -16.36 -14.39 -3.30
C ALA B 108 -17.29 -15.53 -2.83
N LYS B 109 -16.89 -16.78 -3.04
CA LYS B 109 -17.79 -17.90 -2.70
C LYS B 109 -17.88 -18.06 -1.22
N THR B 110 -16.72 -17.98 -0.58
CA THR B 110 -16.63 -18.38 0.81
C THR B 110 -17.38 -17.37 1.69
N PHE B 111 -17.15 -16.08 1.45
CA PHE B 111 -17.75 -15.07 2.33
C PHE B 111 -19.04 -14.47 1.82
N TYR B 112 -19.28 -14.57 0.52
CA TYR B 112 -20.40 -13.86 -0.08
C TYR B 112 -21.23 -14.79 -0.99
N GLY B 113 -21.04 -16.10 -0.87
CA GLY B 113 -21.77 -17.10 -1.69
C GLY B 113 -23.26 -16.93 -1.45
N GLY B 114 -24.00 -16.59 -2.52
CA GLY B 114 -25.44 -16.39 -2.39
C GLY B 114 -25.87 -14.93 -2.26
N LEU B 115 -24.90 -14.01 -2.21
CA LEU B 115 -25.21 -12.60 -2.00
C LEU B 115 -25.02 -11.81 -3.27
N GLY B 116 -24.83 -12.50 -4.38
CA GLY B 116 -24.71 -11.84 -5.67
C GLY B 116 -23.38 -11.16 -5.94
N ILE B 117 -22.34 -11.60 -5.27
CA ILE B 117 -20.99 -11.01 -5.42
C ILE B 117 -20.17 -11.80 -6.47
N GLY B 118 -19.69 -11.13 -7.51
CA GLY B 118 -18.87 -11.81 -8.53
C GLY B 118 -17.37 -11.78 -8.23
N ASP B 119 -16.61 -12.71 -8.85
CA ASP B 119 -15.14 -12.81 -8.67
C ASP B 119 -14.51 -11.47 -8.96
N ASP B 120 -15.09 -10.77 -9.93
CA ASP B 120 -14.54 -9.51 -10.39
C ASP B 120 -14.86 -8.25 -9.53
N ASP B 121 -15.72 -8.43 -8.51
CA ASP B 121 -16.05 -7.42 -7.50
C ASP B 121 -15.07 -7.45 -6.28
N VAL B 122 -14.20 -8.45 -6.25
CA VAL B 122 -13.18 -8.62 -5.18
C VAL B 122 -11.81 -8.03 -5.62
N PHE B 123 -11.23 -7.27 -4.72
CA PHE B 123 -9.95 -6.65 -4.89
C PHE B 123 -9.10 -7.12 -3.72
N VAL B 124 -8.12 -7.97 -4.00
CA VAL B 124 -7.22 -8.48 -2.98
C VAL B 124 -6.16 -7.38 -2.67
N SER B 125 -5.91 -7.16 -1.37
CA SER B 125 -4.98 -6.12 -1.00
C SER B 125 -3.96 -6.67 -0.04
N ASP B 126 -3.00 -5.81 0.36
CA ASP B 126 -2.10 -6.14 1.44
C ASP B 126 -2.68 -5.76 2.82
N GLY B 127 -4.02 -5.63 2.95
CA GLY B 127 -4.62 -5.41 4.27
C GLY B 127 -5.64 -4.28 4.26
N ALA B 128 -6.52 -4.29 5.26
CA ALA B 128 -7.67 -3.34 5.31
C ALA B 128 -7.27 -1.91 5.60
N LYS B 129 -6.23 -1.72 6.41
CA LYS B 129 -5.72 -0.36 6.66
C LYS B 129 -5.37 0.34 5.36
N CYS B 130 -4.71 -0.41 4.49
CA CYS B 130 -4.27 0.06 3.19
C CYS B 130 -5.45 0.34 2.27
N ASP B 131 -6.44 -0.54 2.29
CA ASP B 131 -7.61 -0.29 1.48
C ASP B 131 -8.40 0.96 1.87
N ILE B 132 -8.55 1.16 3.17
CA ILE B 132 -9.20 2.36 3.68
C ILE B 132 -8.58 3.59 3.06
N SER B 133 -7.25 3.67 3.08
CA SER B 133 -6.55 4.81 2.50
C SER B 133 -6.60 4.90 0.99
N ARG B 134 -6.49 3.76 0.30
CA ARG B 134 -6.74 3.78 -1.15
C ARG B 134 -8.16 4.18 -1.51
N LEU B 135 -9.13 3.71 -0.73
CA LEU B 135 -10.54 4.14 -0.96
C LEU B 135 -10.67 5.67 -0.79
N GLN B 136 -9.99 6.21 0.24
CA GLN B 136 -10.01 7.68 0.50
C GLN B 136 -9.35 8.51 -0.58
N VAL B 137 -8.24 8.00 -1.14
CA VAL B 137 -7.66 8.63 -2.35
C VAL B 137 -8.70 8.63 -3.47
N MET B 138 -9.38 7.49 -3.65
CA MET B 138 -10.41 7.33 -4.69
C MET B 138 -11.57 8.32 -4.51
N PHE B 139 -12.17 8.39 -3.32
CA PHE B 139 -13.22 9.37 -3.05
C PHE B 139 -12.76 10.82 -3.21
N GLY B 140 -11.59 11.09 -2.67
CA GLY B 140 -10.98 12.39 -2.86
C GLY B 140 -11.41 13.37 -1.78
N SER B 141 -11.04 14.62 -1.99
CA SER B 141 -11.07 15.62 -0.93
C SER B 141 -12.44 16.28 -0.79
N ASN B 142 -13.30 16.13 -1.79
CA ASN B 142 -14.55 16.86 -1.86
C ASN B 142 -15.78 16.11 -1.28
N VAL B 143 -15.56 14.96 -0.66
CA VAL B 143 -16.67 14.24 -0.02
C VAL B 143 -16.67 14.51 1.49
N THR B 144 -17.83 14.37 2.13
CA THR B 144 -17.93 14.44 3.61
C THR B 144 -18.18 13.03 4.16
N ILE B 145 -17.69 12.74 5.38
CA ILE B 145 -17.84 11.40 5.95
C ILE B 145 -18.57 11.42 7.29
N ALA B 146 -19.09 10.25 7.69
CA ALA B 146 -19.63 9.95 9.03
C ALA B 146 -18.90 8.76 9.53
N VAL B 147 -18.68 8.73 10.83
CA VAL B 147 -18.09 7.59 11.48
C VAL B 147 -18.86 7.29 12.77
N GLN B 148 -18.81 6.04 13.21
CA GLN B 148 -19.21 5.74 14.57
C GLN B 148 -18.31 6.52 15.52
N ASP B 149 -18.84 6.91 16.67
CA ASP B 149 -18.05 7.55 17.70
C ASP B 149 -18.32 6.79 19.02
N PRO B 150 -17.35 6.03 19.53
CA PRO B 150 -15.96 5.85 19.09
C PRO B 150 -15.84 4.91 17.88
N SER B 151 -14.72 4.99 17.20
CA SER B 151 -14.37 4.08 16.13
C SER B 151 -12.88 3.98 15.89
N TYR B 152 -12.49 2.91 15.23
CA TYR B 152 -11.13 2.66 14.77
C TYR B 152 -10.60 3.95 14.13
N PRO B 153 -9.49 4.52 14.68
CA PRO B 153 -9.06 5.87 14.28
C PRO B 153 -8.58 6.06 12.84
N ALA B 154 -8.37 4.98 12.09
CA ALA B 154 -7.96 5.15 10.68
C ALA B 154 -8.97 5.81 9.79
N TYR B 155 -10.28 5.75 10.09
CA TYR B 155 -11.24 6.39 9.17
C TYR B 155 -11.12 7.90 9.22
N VAL B 156 -11.18 8.42 10.44
CA VAL B 156 -10.98 9.82 10.68
C VAL B 156 -9.57 10.30 10.24
N ASP B 157 -8.49 9.63 10.66
CA ASP B 157 -7.17 10.12 10.23
C ASP B 157 -6.97 10.17 8.71
N SER B 158 -7.41 9.12 8.00
CA SER B 158 -7.23 9.10 6.54
C SER B 158 -8.09 10.19 5.96
N SER B 159 -9.21 10.45 6.62
CA SER B 159 -10.09 11.51 6.13
C SER B 159 -9.42 12.91 6.26
N VAL B 160 -8.75 13.16 7.38
CA VAL B 160 -8.07 14.45 7.59
C VAL B 160 -6.98 14.64 6.52
N ILE B 161 -6.18 13.59 6.37
CA ILE B 161 -5.05 13.54 5.45
C ILE B 161 -5.50 13.82 4.03
N MET B 162 -6.68 13.32 3.67
CA MET B 162 -7.14 13.52 2.31
C MET B 162 -7.79 14.88 2.08
N GLY B 163 -7.91 15.74 3.10
CA GLY B 163 -8.49 17.09 2.85
C GLY B 163 -10.01 17.19 2.97
N GLN B 164 -10.62 16.17 3.58
CA GLN B 164 -12.08 16.07 3.69
C GLN B 164 -12.62 16.85 4.91
N THR B 165 -11.72 17.36 5.76
CA THR B 165 -12.10 17.84 7.09
C THR B 165 -11.66 19.27 7.34
N GLY B 166 -12.14 19.85 8.44
CA GLY B 166 -11.63 21.13 8.93
C GLY B 166 -10.60 20.79 10.02
N GLN B 167 -10.17 21.78 10.78
CA GLN B 167 -9.23 21.58 11.89
C GLN B 167 -9.80 20.82 13.07
N PHE B 168 -8.94 20.42 14.00
CA PHE B 168 -9.35 19.76 15.24
C PHE B 168 -9.81 20.84 16.22
N ASN B 169 -10.98 20.62 16.81
CA ASN B 169 -11.58 21.52 17.81
C ASN B 169 -11.42 20.85 19.18
N THR B 170 -10.59 21.44 20.04
CA THR B 170 -10.20 20.79 21.30
C THR B 170 -11.31 20.88 22.35
N ASP B 171 -12.23 21.80 22.17
CA ASP B 171 -13.38 21.86 23.07
C ASP B 171 -14.21 20.58 22.98
N VAL B 172 -14.52 20.16 21.74
CA VAL B 172 -15.35 18.97 21.52
C VAL B 172 -14.53 17.75 21.16
N GLN B 173 -13.23 17.95 20.98
CA GLN B 173 -12.34 16.88 20.59
C GLN B 173 -12.72 16.24 19.23
N LYS B 174 -13.14 17.06 18.27
CA LYS B 174 -13.56 16.57 16.98
C LYS B 174 -12.86 17.31 15.87
N TYR B 175 -12.65 16.67 14.71
CA TYR B 175 -12.24 17.44 13.53
C TYR B 175 -13.46 18.02 12.86
N GLY B 176 -13.38 19.25 12.38
CA GLY B 176 -14.51 19.84 11.68
C GLY B 176 -14.98 19.07 10.45
N ASN B 177 -16.29 19.11 10.15
CA ASN B 177 -16.89 18.61 8.88
C ASN B 177 -17.08 17.08 8.83
N ILE B 178 -16.79 16.40 9.94
CA ILE B 178 -17.02 14.96 10.12
C ILE B 178 -18.27 14.79 10.99
N GLU B 179 -19.17 13.95 10.53
CA GLU B 179 -20.35 13.57 11.30
C GLU B 179 -20.02 12.39 12.22
N TYR B 180 -19.94 12.70 13.50
CA TYR B 180 -19.58 11.75 14.51
C TYR B 180 -20.85 11.14 15.04
N MET B 181 -21.09 9.85 14.78
CA MET B 181 -22.38 9.24 15.15
C MET B 181 -22.31 8.59 16.54
N ARG B 182 -22.94 9.20 17.54
CA ARG B 182 -22.84 8.73 18.93
C ARG B 182 -23.33 7.29 19.17
N CYS B 183 -22.40 6.44 19.60
CA CYS B 183 -22.68 5.06 19.96
C CYS B 183 -22.38 4.83 21.44
N THR B 184 -23.44 4.69 22.22
CA THR B 184 -23.35 4.64 23.69
C THR B 184 -23.94 3.37 24.33
N PRO B 185 -23.55 3.08 25.59
CA PRO B 185 -24.22 1.97 26.24
C PRO B 185 -25.73 2.18 26.21
N GLU B 186 -26.17 3.41 26.47
CA GLU B 186 -27.59 3.74 26.52
C GLU B 186 -28.34 3.56 25.19
N ASN B 187 -27.68 3.77 24.05
CA ASN B 187 -28.39 3.55 22.78
C ASN B 187 -28.12 2.20 22.18
N GLY B 188 -27.47 1.33 22.95
CA GLY B 188 -27.12 -0.01 22.48
C GLY B 188 -25.98 0.04 21.47
N PHE B 189 -25.19 1.12 21.57
CA PHE B 189 -24.07 1.37 20.68
C PHE B 189 -24.51 1.38 19.22
N PHE B 190 -25.67 1.95 18.91
CA PHE B 190 -26.06 2.16 17.52
C PHE B 190 -26.64 3.54 17.52
N PRO B 191 -26.29 4.37 16.52
CA PRO B 191 -26.79 5.76 16.55
C PRO B 191 -28.28 5.92 16.24
N ASP B 192 -28.85 7.00 16.74
CA ASP B 192 -30.17 7.39 16.36
C ASP B 192 -30.06 8.07 15.00
N LEU B 193 -30.32 7.35 13.90
CA LEU B 193 -30.13 7.89 12.54
C LEU B 193 -30.97 9.10 12.17
N SER B 194 -32.04 9.34 12.92
CA SER B 194 -32.88 10.52 12.74
C SER B 194 -32.13 11.79 13.16
N THR B 195 -31.13 11.64 14.03
CA THR B 195 -30.29 12.77 14.41
C THR B 195 -28.95 12.84 13.66
N VAL B 196 -28.75 11.94 12.69
CA VAL B 196 -27.51 11.91 11.93
C VAL B 196 -27.67 12.72 10.63
N GLY B 197 -26.79 13.69 10.45
CA GLY B 197 -26.77 14.52 9.23
C GLY B 197 -26.30 13.76 8.00
N ARG B 198 -26.73 14.22 6.81
CA ARG B 198 -26.36 13.56 5.57
C ARG B 198 -24.87 13.75 5.28
N THR B 199 -24.17 12.68 4.89
CA THR B 199 -22.80 12.83 4.38
C THR B 199 -22.74 12.06 3.07
N ASP B 200 -21.63 12.18 2.34
CA ASP B 200 -21.42 11.31 1.19
C ASP B 200 -21.10 9.88 1.61
N ILE B 201 -20.21 9.73 2.61
CA ILE B 201 -19.65 8.45 2.95
C ILE B 201 -19.98 8.17 4.40
N ILE B 202 -20.22 6.90 4.73
CA ILE B 202 -20.46 6.49 6.09
C ILE B 202 -19.57 5.29 6.35
N PHE B 203 -18.56 5.42 7.21
CA PHE B 203 -17.74 4.26 7.58
C PHE B 203 -18.41 3.60 8.75
N PHE B 204 -18.67 2.31 8.61
CA PHE B 204 -19.38 1.58 9.60
C PHE B 204 -18.71 0.23 9.85
N CYS B 205 -18.29 0.04 11.09
CA CYS B 205 -17.58 -1.14 11.52
C CYS B 205 -18.51 -1.99 12.40
N SER B 206 -18.67 -3.25 12.07
CA SER B 206 -19.50 -4.21 12.83
C SER B 206 -18.99 -5.63 12.64
N PRO B 207 -18.59 -6.30 13.71
CA PRO B 207 -18.54 -5.87 15.10
C PRO B 207 -17.58 -4.69 15.21
N ASN B 208 -18.03 -3.62 15.90
CA ASN B 208 -17.27 -2.39 16.03
C ASN B 208 -15.99 -2.56 16.87
N ASN B 209 -14.94 -1.87 16.40
CA ASN B 209 -13.71 -1.57 17.15
C ASN B 209 -13.84 -0.09 17.51
N PRO B 210 -13.85 0.27 18.82
CA PRO B 210 -13.51 -0.45 20.07
C PRO B 210 -14.61 -1.09 20.92
N THR B 211 -15.87 -0.87 20.59
CA THR B 211 -16.92 -1.22 21.57
C THR B 211 -17.26 -2.71 21.60
N GLY B 212 -16.91 -3.41 20.53
CA GLY B 212 -17.29 -4.79 20.27
C GLY B 212 -18.72 -4.98 19.79
N ALA B 213 -19.47 -3.90 19.61
CA ALA B 213 -20.89 -4.01 19.30
C ALA B 213 -21.17 -4.46 17.84
N ALA B 214 -22.00 -5.49 17.70
CA ALA B 214 -22.45 -5.95 16.38
C ALA B 214 -23.88 -5.50 16.09
N ALA B 215 -24.06 -4.78 14.98
CA ALA B 215 -25.38 -4.30 14.57
C ALA B 215 -26.24 -5.48 14.16
N THR B 216 -27.52 -5.43 14.53
CA THR B 216 -28.46 -6.50 14.19
C THR B 216 -28.91 -6.34 12.75
N ARG B 217 -29.64 -7.32 12.23
CA ARG B 217 -30.21 -7.20 10.88
C ARG B 217 -31.15 -6.01 10.77
N GLU B 218 -31.92 -5.77 11.83
CA GLU B 218 -32.87 -4.66 11.85
C GLU B 218 -32.10 -3.29 11.74
N GLN B 219 -31.04 -3.14 12.53
CA GLN B 219 -30.23 -1.89 12.51
C GLN B 219 -29.47 -1.68 11.20
N LEU B 220 -28.91 -2.75 10.65
CA LEU B 220 -28.28 -2.69 9.33
C LEU B 220 -29.27 -2.39 8.22
N THR B 221 -30.49 -2.92 8.34
CA THR B 221 -31.55 -2.56 7.36
C THR B 221 -31.84 -1.06 7.42
N GLN B 222 -32.00 -0.54 8.64
CA GLN B 222 -32.09 0.90 8.89
C GLN B 222 -30.88 1.65 8.29
N LEU B 223 -29.67 1.16 8.53
CA LEU B 223 -28.43 1.77 7.98
C LEU B 223 -28.52 1.89 6.47
N VAL B 224 -28.84 0.75 5.80
CA VAL B 224 -29.04 0.73 4.33
C VAL B 224 -30.16 1.66 3.82
N GLU B 225 -31.31 1.71 4.51
CA GLU B 225 -32.41 2.59 4.12
C GLU B 225 -31.99 4.03 4.25
N PHE B 226 -31.27 4.33 5.33
CA PHE B 226 -30.71 5.68 5.56
C PHE B 226 -29.74 6.10 4.43
N ALA B 227 -28.77 5.23 4.12
CA ALA B 227 -27.87 5.50 2.98
C ALA B 227 -28.60 5.67 1.66
N LYS B 228 -29.58 4.80 1.40
CA LYS B 228 -30.30 4.89 0.13
C LYS B 228 -31.09 6.21 -0.02
N LYS B 229 -31.75 6.63 1.04
CA LYS B 229 -32.50 7.89 0.92
C LYS B 229 -31.59 9.16 0.86
N ASN B 230 -30.45 9.06 1.55
CA ASN B 230 -29.44 10.10 1.55
C ASN B 230 -28.51 10.06 0.33
N GLY B 231 -28.52 8.95 -0.40
CA GLY B 231 -27.62 8.81 -1.58
C GLY B 231 -26.18 8.70 -1.11
N SER B 232 -25.97 7.99 -0.02
CA SER B 232 -24.63 7.86 0.60
C SER B 232 -24.02 6.51 0.24
N ILE B 233 -22.69 6.43 0.31
CA ILE B 233 -21.97 5.17 0.19
C ILE B 233 -21.54 4.71 1.57
N ILE B 234 -21.85 3.47 1.92
CA ILE B 234 -21.36 2.86 3.17
C ILE B 234 -20.07 2.10 2.87
N VAL B 235 -19.05 2.37 3.68
CA VAL B 235 -17.84 1.53 3.69
C VAL B 235 -18.00 0.69 4.93
N TYR B 236 -18.23 -0.59 4.73
CA TYR B 236 -18.54 -1.47 5.85
C TYR B 236 -17.31 -2.29 6.15
N ASP B 237 -16.90 -2.25 7.42
CA ASP B 237 -15.68 -2.87 7.77
C ASP B 237 -16.00 -4.12 8.58
N SER B 238 -15.64 -5.28 8.03
CA SER B 238 -16.07 -6.56 8.59
C SER B 238 -14.89 -7.32 9.15
N ALA B 239 -13.83 -6.59 9.45
CA ALA B 239 -12.61 -7.16 10.00
C ALA B 239 -12.84 -8.21 11.09
N TYR B 240 -13.86 -8.05 11.94
CA TYR B 240 -14.09 -8.98 13.06
C TYR B 240 -15.34 -9.83 12.86
N ALA B 241 -15.91 -9.84 11.64
CA ALA B 241 -17.21 -10.53 11.43
C ALA B 241 -17.19 -12.02 11.86
N MET B 242 -16.08 -12.71 11.69
CA MET B 242 -16.05 -14.14 12.03
C MET B 242 -15.94 -14.45 13.53
N TYR B 243 -15.83 -13.37 14.33
CA TYR B 243 -15.91 -13.46 15.80
C TYR B 243 -17.38 -13.37 16.25
N MET B 244 -18.31 -13.17 15.32
CA MET B 244 -19.75 -13.14 15.67
C MET B 244 -20.19 -14.33 16.54
N SER B 245 -20.84 -14.05 17.65
CA SER B 245 -21.54 -15.12 18.40
C SER B 245 -23.07 -14.96 18.25
N ASP B 246 -23.58 -13.73 18.32
CA ASP B 246 -25.00 -13.51 18.18
C ASP B 246 -25.45 -13.78 16.75
N ASP B 247 -26.74 -13.95 16.55
CA ASP B 247 -27.31 -14.25 15.24
C ASP B 247 -27.46 -12.94 14.48
N ASN B 248 -26.32 -12.37 14.03
CA ASN B 248 -26.27 -11.08 13.34
C ASN B 248 -25.62 -11.22 11.96
N PRO B 249 -25.99 -10.34 11.03
CA PRO B 249 -25.32 -10.38 9.73
C PRO B 249 -23.80 -10.16 9.84
N ARG B 250 -23.04 -10.95 9.07
CA ARG B 250 -21.58 -10.92 9.02
C ARG B 250 -21.15 -10.12 7.80
N SER B 251 -22.09 -9.82 6.92
CA SER B 251 -21.78 -9.00 5.79
C SER B 251 -22.95 -8.07 5.51
N ILE B 252 -22.62 -6.84 5.16
CA ILE B 252 -23.62 -5.85 4.74
C ILE B 252 -24.43 -6.31 3.54
N PHE B 253 -23.88 -7.23 2.73
CA PHE B 253 -24.56 -7.62 1.49
C PHE B 253 -25.70 -8.61 1.79
N GLU B 254 -25.73 -9.09 3.02
CA GLU B 254 -26.87 -9.80 3.56
C GLU B 254 -28.14 -8.95 3.61
N ILE B 255 -28.02 -7.62 3.57
CA ILE B 255 -29.17 -6.73 3.56
C ILE B 255 -29.57 -6.44 2.12
N PRO B 256 -30.81 -6.83 1.74
CA PRO B 256 -31.24 -6.57 0.36
C PRO B 256 -31.16 -5.06 0.01
N GLY B 257 -30.66 -4.73 -1.18
CA GLY B 257 -30.37 -3.31 -1.55
C GLY B 257 -29.04 -2.73 -1.05
N ALA B 258 -28.31 -3.44 -0.19
CA ALA B 258 -26.95 -3.00 0.21
C ALA B 258 -26.04 -2.79 -1.02
N GLU B 259 -26.26 -3.57 -2.07
CA GLU B 259 -25.41 -3.56 -3.23
C GLU B 259 -25.54 -2.28 -4.05
N GLU B 260 -26.57 -1.48 -3.77
CA GLU B 260 -26.70 -0.15 -4.40
C GLU B 260 -26.00 0.98 -3.64
N VAL B 261 -25.62 0.73 -2.38
CA VAL B 261 -25.11 1.81 -1.54
C VAL B 261 -23.88 1.42 -0.72
N ALA B 262 -23.36 0.24 -0.88
CA ALA B 262 -22.38 -0.26 0.07
C ALA B 262 -21.24 -1.02 -0.58
N MET B 263 -20.06 -0.89 0.02
CA MET B 263 -18.93 -1.73 -0.29
C MET B 263 -18.44 -2.28 1.04
N GLU B 264 -17.58 -3.29 1.01
CA GLU B 264 -17.14 -3.93 2.22
C GLU B 264 -15.60 -4.19 2.21
N THR B 265 -14.96 -3.99 3.34
CA THR B 265 -13.51 -4.25 3.44
C THR B 265 -13.21 -5.20 4.62
N ALA B 266 -12.26 -6.12 4.43
CA ALA B 266 -11.88 -7.10 5.49
C ALA B 266 -10.48 -7.66 5.25
N SER B 267 -10.05 -8.60 6.08
CA SER B 267 -8.69 -9.12 5.97
C SER B 267 -8.49 -10.39 6.73
N PHE B 268 -7.37 -11.08 6.45
CA PHE B 268 -7.05 -12.30 7.15
C PHE B 268 -6.28 -12.02 8.43
N SER B 269 -5.96 -10.76 8.73
CA SER B 269 -5.13 -10.46 9.89
C SER B 269 -5.65 -11.12 11.12
N LYS B 270 -6.95 -10.92 11.37
CA LYS B 270 -7.56 -11.42 12.59
C LYS B 270 -8.12 -12.85 12.48
N TYR B 271 -8.09 -13.42 11.27
CA TYR B 271 -8.65 -14.74 11.01
C TYR B 271 -7.58 -15.80 11.02
N ALA B 272 -6.44 -15.52 10.37
CA ALA B 272 -5.29 -16.43 10.35
C ALA B 272 -3.99 -15.90 11.01
N GLY B 273 -4.07 -14.81 11.76
CA GLY B 273 -2.84 -14.20 12.32
C GLY B 273 -1.91 -13.62 11.27
N PHE B 274 -2.51 -13.07 10.21
CA PHE B 274 -1.79 -12.42 9.06
C PHE B 274 -1.45 -10.94 9.27
N THR B 275 -1.47 -10.50 10.54
CA THR B 275 -1.15 -9.11 10.85
C THR B 275 0.22 -8.74 10.24
N GLY B 276 1.20 -9.66 10.31
CA GLY B 276 2.52 -9.49 9.68
C GLY B 276 2.61 -9.96 8.24
N VAL B 277 1.81 -10.96 7.88
CA VAL B 277 1.82 -11.49 6.47
C VAL B 277 1.21 -10.52 5.44
N ARG B 278 0.07 -9.90 5.79
CA ARG B 278 -0.54 -8.81 5.00
C ARG B 278 -1.40 -9.34 3.81
N LEU B 279 -2.70 -9.56 4.07
CA LEU B 279 -3.62 -9.94 3.01
C LEU B 279 -5.03 -9.66 3.50
N GLY B 280 -5.74 -8.84 2.73
CA GLY B 280 -7.21 -8.71 2.89
C GLY B 280 -7.84 -8.45 1.54
N TRP B 281 -9.00 -7.81 1.53
CA TRP B 281 -9.78 -7.62 0.31
C TRP B 281 -10.85 -6.55 0.53
N THR B 282 -11.25 -5.90 -0.55
CA THR B 282 -12.39 -5.02 -0.59
C THR B 282 -13.34 -5.58 -1.69
N VAL B 283 -14.65 -5.52 -1.44
CA VAL B 283 -15.68 -5.93 -2.43
C VAL B 283 -16.50 -4.72 -2.81
N ILE B 284 -16.57 -4.38 -4.08
CA ILE B 284 -17.39 -3.26 -4.50
C ILE B 284 -18.35 -3.81 -5.57
N PRO B 285 -19.64 -3.70 -5.34
CA PRO B 285 -20.57 -4.37 -6.22
C PRO B 285 -20.82 -3.55 -7.47
N LYS B 286 -21.25 -4.22 -8.53
CA LYS B 286 -21.43 -3.57 -9.84
C LYS B 286 -22.48 -2.47 -9.84
N LYS B 287 -23.45 -2.60 -8.95
CA LYS B 287 -24.56 -1.65 -8.88
C LYS B 287 -24.29 -0.40 -8.02
N LEU B 288 -23.09 -0.30 -7.43
CA LEU B 288 -22.64 0.94 -6.73
C LEU B 288 -22.19 2.05 -7.73
N LEU B 289 -22.99 3.11 -7.88
CA LEU B 289 -22.69 4.11 -8.89
C LEU B 289 -22.63 5.49 -8.26
N TYR B 290 -21.76 6.34 -8.81
CA TYR B 290 -21.77 7.77 -8.52
C TYR B 290 -22.96 8.45 -9.17
N SER B 291 -23.16 9.71 -8.81
CA SER B 291 -24.33 10.47 -9.20
C SER B 291 -24.43 10.66 -10.69
N ASP B 292 -23.33 10.46 -11.41
CA ASP B 292 -23.32 10.61 -12.84
C ASP B 292 -23.45 9.27 -13.52
N GLY B 293 -23.78 8.23 -12.73
CA GLY B 293 -23.86 6.87 -13.25
C GLY B 293 -22.58 6.08 -13.35
N PHE B 294 -21.43 6.66 -13.00
CA PHE B 294 -20.15 5.96 -13.17
C PHE B 294 -19.97 4.92 -12.06
N PRO B 295 -19.62 3.66 -12.41
CA PRO B 295 -19.45 2.67 -11.33
C PRO B 295 -18.19 2.89 -10.50
N VAL B 296 -18.41 2.89 -9.20
CA VAL B 296 -17.38 3.19 -8.21
C VAL B 296 -16.20 2.18 -8.35
N ALA B 297 -16.51 0.92 -8.63
CA ALA B 297 -15.49 -0.11 -8.82
C ALA B 297 -14.56 0.14 -9.98
N LYS B 298 -14.99 0.87 -11.01
CA LYS B 298 -14.08 1.19 -12.10
C LYS B 298 -13.03 2.25 -11.68
N ASP B 299 -13.43 3.19 -10.81
CA ASP B 299 -12.45 4.14 -10.27
C ASP B 299 -11.49 3.44 -9.27
N PHE B 300 -12.01 2.50 -8.49
CA PHE B 300 -11.14 1.74 -7.59
C PHE B 300 -10.11 0.90 -8.31
N ASN B 301 -10.55 0.21 -9.35
CA ASN B 301 -9.65 -0.55 -10.19
C ASN B 301 -8.51 0.31 -10.76
N ARG B 302 -8.81 1.56 -11.17
CA ARG B 302 -7.79 2.47 -11.65
C ARG B 302 -6.79 2.85 -10.56
N ILE B 303 -7.29 3.14 -9.38
CA ILE B 303 -6.43 3.39 -8.23
C ILE B 303 -5.50 2.23 -7.98
N ILE B 304 -6.07 1.03 -8.01
CA ILE B 304 -5.39 -0.20 -7.67
C ILE B 304 -4.31 -0.45 -8.74
N CYS B 305 -4.54 -0.03 -9.97
CA CYS B 305 -3.55 -0.21 -11.07
C CYS B 305 -2.44 0.83 -11.07
N THR B 306 -2.72 1.99 -10.51
CA THR B 306 -1.83 3.13 -10.58
C THR B 306 -0.95 3.31 -9.33
N CYS B 307 -1.51 2.95 -8.19
CA CYS B 307 -1.01 3.30 -6.88
C CYS B 307 -0.59 2.08 -6.10
N PHE B 308 -0.71 0.88 -6.66
CA PHE B 308 -0.51 -0.38 -5.93
C PHE B 308 0.01 -1.35 -6.95
N ASN B 309 0.77 -2.35 -6.54
CA ASN B 309 1.25 -3.34 -7.51
C ASN B 309 0.90 -4.76 -7.12
N GLY B 310 -0.13 -4.93 -6.27
CA GLY B 310 -0.56 -6.28 -5.94
C GLY B 310 -0.13 -6.74 -4.55
N ALA B 311 -0.95 -7.60 -3.95
CA ALA B 311 -0.54 -8.29 -2.74
C ALA B 311 0.60 -9.26 -3.06
N SER B 312 1.43 -9.54 -2.07
CA SER B 312 2.52 -10.49 -2.23
C SER B 312 1.99 -11.85 -2.69
N ASN B 313 2.66 -12.42 -3.69
CA ASN B 313 2.24 -13.66 -4.27
C ASN B 313 2.24 -14.80 -3.23
N ILE B 314 3.14 -14.71 -2.25
CA ILE B 314 3.25 -15.73 -1.19
C ILE B 314 2.11 -15.52 -0.20
N SER B 315 1.80 -14.28 0.10
CA SER B 315 0.63 -13.99 0.99
C SER B 315 -0.70 -14.48 0.32
N GLN B 316 -0.79 -14.30 -1.00
CA GLN B 316 -1.94 -14.84 -1.74
C GLN B 316 -2.05 -16.37 -1.65
N ALA B 317 -0.91 -17.07 -1.78
CA ALA B 317 -0.91 -18.52 -1.67
C ALA B 317 -1.37 -18.94 -0.28
N GLY B 318 -1.06 -18.13 0.73
CA GLY B 318 -1.46 -18.45 2.10
C GLY B 318 -2.95 -18.28 2.30
N ALA B 319 -3.48 -17.15 1.82
CA ALA B 319 -4.91 -16.84 1.82
C ALA B 319 -5.72 -17.90 1.09
N LEU B 320 -5.24 -18.38 -0.06
CA LEU B 320 -5.88 -19.44 -0.80
C LEU B 320 -5.98 -20.74 0.00
N ALA B 321 -4.91 -21.08 0.71
CA ALA B 321 -4.93 -22.20 1.62
C ALA B 321 -5.86 -22.02 2.84
N CYS B 322 -6.08 -20.81 3.31
CA CYS B 322 -7.03 -20.60 4.41
C CYS B 322 -8.46 -21.00 3.98
N LEU B 323 -8.78 -20.82 2.71
CA LEU B 323 -10.16 -21.03 2.23
C LEU B 323 -10.33 -22.45 1.67
N THR B 324 -10.10 -23.41 2.54
CA THR B 324 -10.20 -24.83 2.23
C THR B 324 -10.79 -25.41 3.48
N PRO B 325 -11.30 -26.65 3.44
CA PRO B 325 -11.79 -27.18 4.73
C PRO B 325 -10.74 -27.10 5.87
N GLU B 326 -9.50 -27.48 5.60
CA GLU B 326 -8.45 -27.49 6.63
C GLU B 326 -8.12 -26.08 7.14
N GLY B 327 -8.05 -25.10 6.25
CA GLY B 327 -7.80 -23.72 6.64
C GLY B 327 -8.91 -23.14 7.47
N LEU B 328 -10.16 -23.36 7.02
CA LEU B 328 -11.34 -22.83 7.74
C LEU B 328 -11.40 -23.44 9.12
N GLU B 329 -11.10 -24.72 9.21
CA GLU B 329 -11.09 -25.41 10.51
C GLU B 329 -10.02 -24.77 11.40
N ALA B 330 -8.85 -24.49 10.85
CA ALA B 330 -7.74 -23.89 11.64
C ALA B 330 -8.06 -22.46 12.06
N MET B 331 -8.64 -21.67 11.15
CA MET B 331 -8.98 -20.28 11.45
C MET B 331 -10.06 -20.21 12.52
N HIS B 332 -11.08 -21.05 12.40
CA HIS B 332 -12.15 -21.18 13.38
C HIS B 332 -11.63 -21.56 14.78
N LYS B 333 -10.69 -22.47 14.83
CA LYS B 333 -10.06 -22.86 16.10
C LYS B 333 -9.27 -21.68 16.77
N VAL B 334 -8.49 -20.95 15.99
CA VAL B 334 -7.72 -19.85 16.53
C VAL B 334 -8.65 -18.76 16.99
N ILE B 335 -9.73 -18.55 16.26
CA ILE B 335 -10.68 -17.51 16.63
C ILE B 335 -11.33 -17.84 17.96
N GLY B 336 -11.69 -19.12 18.11
CA GLY B 336 -12.35 -19.58 19.32
C GLY B 336 -11.46 -19.46 20.54
N PHE B 337 -10.16 -19.64 20.33
CA PHE B 337 -9.15 -19.44 21.39
C PHE B 337 -9.19 -18.00 21.92
N TYR B 338 -9.04 -17.04 21.02
CA TYR B 338 -9.15 -15.61 21.36
C TYR B 338 -10.49 -15.25 22.01
N LYS B 339 -11.56 -15.92 21.59
CA LYS B 339 -12.89 -15.70 22.20
C LYS B 339 -12.94 -16.13 23.64
N GLU B 340 -12.26 -17.24 23.96
CA GLU B 340 -12.14 -17.71 25.36
C GLU B 340 -11.28 -16.74 26.18
N ASN B 341 -10.24 -16.19 25.55
CA ASN B 341 -9.46 -15.10 26.20
C ASN B 341 -10.38 -13.95 26.58
N THR B 342 -11.24 -13.55 25.64
CA THR B 342 -12.15 -12.44 25.82
C THR B 342 -13.09 -12.66 27.02
N ASN B 343 -13.56 -13.91 27.17
CA ASN B 343 -14.42 -14.33 28.29
C ASN B 343 -13.70 -14.18 29.63
N ILE B 344 -12.47 -14.72 29.71
CA ILE B 344 -11.60 -14.55 30.89
C ILE B 344 -11.52 -13.06 31.31
N ILE B 345 -11.36 -12.17 30.32
CA ILE B 345 -11.17 -10.74 30.60
C ILE B 345 -12.48 -10.11 31.03
N ILE B 346 -13.55 -10.45 30.33
CA ILE B 346 -14.88 -9.99 30.70
C ILE B 346 -15.19 -10.38 32.13
N ASP B 347 -15.00 -11.66 32.44
CA ASP B 347 -15.29 -12.17 33.79
C ASP B 347 -14.46 -11.46 34.83
N THR B 348 -13.20 -11.16 34.50
CA THR B 348 -12.32 -10.45 35.41
C THR B 348 -12.87 -9.08 35.76
N PHE B 349 -13.17 -8.25 34.76
CA PHE B 349 -13.68 -6.91 35.01
C PHE B 349 -15.10 -6.89 35.58
N THR B 350 -15.92 -7.86 35.19
CA THR B 350 -17.25 -7.84 35.79
C THR B 350 -17.19 -8.26 37.26
N SER B 351 -16.29 -9.19 37.63
CA SER B 351 -16.13 -9.53 39.08
C SER B 351 -15.65 -8.33 39.92
N LEU B 352 -14.91 -7.41 39.29
CA LEU B 352 -14.36 -6.25 39.96
C LEU B 352 -15.35 -5.10 40.00
N GLY B 353 -16.55 -5.35 39.46
CA GLY B 353 -17.69 -4.42 39.50
C GLY B 353 -17.69 -3.31 38.49
N TYR B 354 -16.94 -3.44 37.39
CA TYR B 354 -16.93 -2.41 36.35
C TYR B 354 -18.09 -2.61 35.41
N ASP B 355 -18.56 -1.53 34.82
CA ASP B 355 -19.41 -1.64 33.64
C ASP B 355 -18.51 -1.99 32.47
N VAL B 356 -18.76 -3.14 31.87
CA VAL B 356 -17.94 -3.66 30.76
C VAL B 356 -18.80 -4.11 29.57
N TYR B 357 -18.44 -3.64 28.37
CA TYR B 357 -19.20 -3.86 27.14
C TYR B 357 -18.40 -4.69 26.13
N GLY B 358 -19.09 -5.22 25.13
CA GLY B 358 -18.43 -5.89 24.03
C GLY B 358 -17.99 -7.25 24.46
N GLY B 359 -16.98 -7.78 23.79
CA GLY B 359 -16.48 -9.10 24.20
C GLY B 359 -17.36 -10.28 23.83
N LYS B 360 -18.55 -10.03 23.32
CA LYS B 360 -19.47 -11.10 22.92
C LYS B 360 -19.19 -11.48 21.47
N ASN B 361 -19.07 -10.45 20.64
CA ASN B 361 -18.98 -10.61 19.20
C ASN B 361 -17.64 -10.12 18.61
N ALA B 362 -16.63 -9.94 19.47
CA ALA B 362 -15.37 -9.30 19.11
C ALA B 362 -14.30 -9.64 20.10
N PRO B 363 -13.01 -9.60 19.70
CA PRO B 363 -11.97 -9.94 20.65
C PRO B 363 -11.50 -8.72 21.47
N TYR B 364 -12.43 -7.82 21.81
CA TYR B 364 -12.15 -6.56 22.52
C TYR B 364 -13.14 -6.44 23.66
N VAL B 365 -12.68 -5.91 24.80
CA VAL B 365 -13.54 -5.64 25.95
C VAL B 365 -13.45 -4.14 26.18
N TRP B 366 -14.60 -3.47 26.22
CA TRP B 366 -14.73 -2.03 26.36
C TRP B 366 -15.15 -1.69 27.80
N VAL B 367 -14.16 -1.34 28.65
CA VAL B 367 -14.36 -1.06 30.09
C VAL B 367 -14.53 0.44 30.45
N HIS B 368 -15.65 0.80 31.08
CA HIS B 368 -15.89 2.18 31.53
C HIS B 368 -15.15 2.47 32.86
N PHE B 369 -14.39 3.56 32.90
CA PHE B 369 -13.83 4.08 34.16
C PHE B 369 -14.43 5.46 34.45
N PRO B 370 -15.38 5.54 35.39
CA PRO B 370 -16.05 6.83 35.63
C PRO B 370 -15.06 7.81 36.27
N ASN B 371 -15.27 9.13 36.07
CA ASN B 371 -14.46 10.15 36.76
C ASN B 371 -12.92 10.01 36.58
N GLN B 372 -12.48 9.52 35.42
CA GLN B 372 -11.06 9.41 35.11
C GLN B 372 -10.90 9.56 33.60
N SER B 373 -9.85 10.26 33.15
CA SER B 373 -9.59 10.31 31.72
C SER B 373 -9.05 8.95 31.27
N SER B 374 -9.33 8.60 30.03
CA SER B 374 -8.80 7.38 29.45
C SER B 374 -7.26 7.33 29.51
N TRP B 375 -6.61 8.41 29.10
CA TRP B 375 -5.15 8.48 29.13
C TRP B 375 -4.59 8.33 30.56
N ASP B 376 -5.29 8.86 31.57
CA ASP B 376 -4.78 8.68 32.94
C ASP B 376 -4.92 7.25 33.39
N VAL B 377 -6.02 6.60 33.01
CA VAL B 377 -6.21 5.19 33.34
C VAL B 377 -5.17 4.32 32.64
N PHE B 378 -4.93 4.60 31.37
CA PHE B 378 -3.91 3.86 30.64
C PHE B 378 -2.56 3.90 31.38
N ALA B 379 -2.16 5.12 31.75
CA ALA B 379 -0.85 5.39 32.40
C ALA B 379 -0.74 4.71 33.75
N GLU B 380 -1.80 4.85 34.54
CA GLU B 380 -1.95 4.16 35.80
C GLU B 380 -1.82 2.63 35.69
N ILE B 381 -2.55 2.00 34.77
CA ILE B 381 -2.47 0.52 34.60
C ILE B 381 -1.06 0.14 34.20
N LEU B 382 -0.49 0.93 33.31
CA LEU B 382 0.81 0.59 32.75
C LEU B 382 1.88 0.71 33.84
N GLU B 383 1.85 1.83 34.57
CA GLU B 383 2.77 2.05 35.71
C GLU B 383 2.68 0.93 36.81
N LYS B 384 1.47 0.55 37.22
CA LYS B 384 1.27 -0.39 38.36
C LYS B 384 1.27 -1.87 38.02
N THR B 385 0.82 -2.23 36.83
CA THR B 385 0.67 -3.66 36.48
C THR B 385 1.58 -4.04 35.31
N HIS B 386 2.16 -3.04 34.63
CA HIS B 386 2.97 -3.30 33.43
C HIS B 386 2.11 -3.99 32.38
N VAL B 387 0.87 -3.57 32.30
CA VAL B 387 -0.02 -4.05 31.25
C VAL B 387 -0.38 -2.89 30.39
N VAL B 388 -0.21 -3.08 29.07
CA VAL B 388 -0.61 -2.07 28.04
C VAL B 388 -2.08 -2.24 27.60
N THR B 389 -2.81 -1.12 27.53
CA THR B 389 -4.18 -1.07 27.06
C THR B 389 -4.29 0.05 26.03
N THR B 390 -5.51 0.37 25.59
CA THR B 390 -5.67 1.51 24.68
C THR B 390 -6.70 2.44 25.25
N PRO B 391 -6.35 3.73 25.38
CA PRO B 391 -7.30 4.66 25.95
C PRO B 391 -8.44 4.89 24.97
N GLY B 392 -9.67 4.83 25.47
CA GLY B 392 -10.85 4.99 24.66
C GLY B 392 -10.90 6.29 23.92
N SER B 393 -10.30 7.33 24.48
CA SER B 393 -10.32 8.63 23.77
C SER B 393 -9.49 8.61 22.47
N GLY B 394 -8.60 7.62 22.36
CA GLY B 394 -7.92 7.28 21.07
C GLY B 394 -8.86 6.95 19.90
N PHE B 395 -10.10 6.58 20.21
CA PHE B 395 -11.08 6.19 19.21
C PHE B 395 -12.12 7.28 19.00
N GLY B 396 -11.81 8.47 19.51
CA GLY B 396 -12.69 9.64 19.32
C GLY B 396 -13.34 10.04 20.64
N PRO B 397 -14.04 11.18 20.64
CA PRO B 397 -14.52 11.77 21.93
C PRO B 397 -15.51 10.88 22.69
N GLY B 398 -16.29 10.08 21.95
CA GLY B 398 -17.20 9.13 22.61
C GLY B 398 -16.46 8.04 23.34
N GLY B 399 -15.15 7.92 23.13
CA GLY B 399 -14.41 6.91 23.81
C GLY B 399 -13.90 7.40 25.16
N GLU B 400 -14.02 8.71 25.41
CA GLU B 400 -13.54 9.28 26.69
C GLU B 400 -14.20 8.61 27.90
N GLY B 401 -13.38 8.17 28.83
CA GLY B 401 -13.89 7.46 29.99
C GLY B 401 -13.83 5.95 29.87
N PHE B 402 -13.44 5.44 28.69
CA PHE B 402 -13.39 4.00 28.46
C PHE B 402 -11.96 3.58 28.18
N VAL B 403 -11.68 2.31 28.44
CA VAL B 403 -10.45 1.70 28.04
C VAL B 403 -10.79 0.45 27.19
N ARG B 404 -10.08 0.29 26.06
CA ARG B 404 -10.13 -0.96 25.31
C ARG B 404 -9.08 -1.94 25.76
N VAL B 405 -9.53 -3.16 26.06
CA VAL B 405 -8.61 -4.23 26.43
C VAL B 405 -8.71 -5.31 25.34
N SER B 406 -7.61 -5.51 24.62
CA SER B 406 -7.52 -6.51 23.58
C SER B 406 -7.32 -7.89 24.18
N ALA B 407 -7.95 -8.92 23.57
CA ALA B 407 -7.94 -10.29 24.14
C ALA B 407 -6.86 -11.18 23.49
N PHE B 408 -6.18 -10.60 22.52
CA PHE B 408 -5.13 -11.29 21.82
C PHE B 408 -3.95 -11.46 22.74
N GLY B 409 -3.57 -12.71 23.00
CA GLY B 409 -2.34 -13.00 23.70
C GLY B 409 -2.30 -14.48 24.05
N HIS B 410 -1.12 -14.99 24.37
CA HIS B 410 -1.00 -16.33 24.90
C HIS B 410 -1.89 -16.42 26.08
N ARG B 411 -2.40 -17.63 26.34
CA ARG B 411 -3.33 -17.87 27.44
C ARG B 411 -2.79 -17.42 28.81
N GLU B 412 -1.55 -17.80 29.09
CA GLU B 412 -0.92 -17.62 30.39
C GLU B 412 -0.72 -16.12 30.67
N ASN B 413 -0.48 -15.38 29.60
CA ASN B 413 -0.33 -13.93 29.65
C ASN B 413 -1.66 -13.19 29.90
N ILE B 414 -2.74 -13.74 29.36
CA ILE B 414 -4.06 -13.19 29.65
C ILE B 414 -4.37 -13.52 31.10
N LEU B 415 -4.04 -14.73 31.53
CA LEU B 415 -4.33 -15.09 32.91
C LEU B 415 -3.57 -14.22 33.91
N GLU B 416 -2.27 -14.07 33.69
CA GLU B 416 -1.41 -13.19 34.46
C GLU B 416 -1.93 -11.74 34.42
N ALA B 417 -2.31 -11.25 33.25
CA ALA B 417 -2.77 -9.86 33.15
C ALA B 417 -4.00 -9.71 34.03
N CYS B 418 -4.87 -10.70 33.96
CA CYS B 418 -6.11 -10.66 34.71
C CYS B 418 -5.85 -10.71 36.23
N ARG B 419 -4.87 -11.50 36.65
CA ARG B 419 -4.63 -11.59 38.08
C ARG B 419 -3.97 -10.27 38.58
N ARG B 420 -3.13 -9.67 37.75
CA ARG B 420 -2.63 -8.32 38.01
C ARG B 420 -3.77 -7.27 38.17
N PHE B 421 -4.78 -7.33 37.29
CA PHE B 421 -5.95 -6.41 37.38
C PHE B 421 -6.68 -6.64 38.70
N LYS B 422 -6.94 -7.91 39.02
CA LYS B 422 -7.67 -8.22 40.25
C LYS B 422 -6.87 -7.73 41.48
N GLN B 423 -5.57 -8.09 41.57
CA GLN B 423 -4.68 -7.62 42.65
C GLN B 423 -4.71 -6.10 42.83
N LEU B 424 -4.61 -5.35 41.73
CA LEU B 424 -4.67 -3.90 41.77
C LEU B 424 -6.02 -3.38 42.27
N TYR B 425 -7.11 -3.95 41.74
CA TYR B 425 -8.43 -3.34 41.89
C TYR B 425 -9.38 -3.96 42.93
N LYS B 426 -9.08 -5.17 43.42
CA LYS B 426 -9.99 -5.89 44.35
C LYS B 426 -10.28 -5.14 45.66
N HIS B 427 -9.27 -4.48 46.22
CA HIS B 427 -9.45 -3.80 47.51
C HIS B 427 -10.00 -2.38 47.39
N HIS B 428 -10.51 -2.03 46.20
CA HIS B 428 -11.08 -0.69 45.95
C HIS B 428 -12.55 -0.69 45.50
#